data_3NUT
#
_entry.id   3NUT
#
_cell.length_a   85.640
_cell.length_b   110.990
_cell.length_c   116.190
_cell.angle_alpha   90.00
_cell.angle_beta   90.00
_cell.angle_gamma   90.00
#
_symmetry.space_group_name_H-M   'P 21 21 21'
#
loop_
_entity.id
_entity.type
_entity.pdbx_description
1 polymer 'Precorrin-3 methylase'
2 non-polymer S-ADENOSYL-L-HOMOCYSTEINE
3 non-polymer GLYCEROL
4 water water
#
_entity_poly.entity_id   1
_entity_poly.type   'polypeptide(L)'
_entity_poly.pdbx_seq_one_letter_code
;HHHHHHMSGWVTVAGLGPGREDLVTPEVTAALAEATDIVGYIPYVARIAPREGLTLHPTDNRVELDRATHALEMAAEGRR
VVVVSSGDPGVFAMASALFEALEAHPEHAGTEIRILPGITAMLAAAAAAGAPLGHDFCAINLSDNLKPFEILEKRLRHAA
RGDFAMAFYNPRSKSRPHQFTRVLEILREECEPGRLILFARAVTTPEQAISVVELRDATPEMADMRTVVLVGNAATRRVG
PWVYTPRGVAP
;
_entity_poly.pdbx_strand_id   A,B,C,D
#
loop_
_chem_comp.id
_chem_comp.type
_chem_comp.name
_chem_comp.formula
GOL non-polymer GLYCEROL 'C3 H8 O3'
#
# COMPACT_ATOMS: atom_id res chain seq x y z
N SER A 8 15.50 -28.34 2.32
CA SER A 8 14.19 -28.94 2.68
C SER A 8 13.16 -27.87 3.08
N GLY A 9 12.18 -27.62 2.19
CA GLY A 9 11.23 -26.52 2.34
C GLY A 9 9.86 -26.85 2.89
N TRP A 10 8.98 -25.86 2.90
CA TRP A 10 7.63 -26.10 3.31
C TRP A 10 6.65 -25.07 2.76
N VAL A 11 5.37 -25.26 3.05
CA VAL A 11 4.36 -24.30 2.63
C VAL A 11 3.57 -24.01 3.89
N THR A 12 3.49 -22.75 4.26
CA THR A 12 2.67 -22.37 5.37
C THR A 12 1.53 -21.54 4.78
N VAL A 13 0.31 -21.82 5.18
CA VAL A 13 -0.78 -20.92 4.84
C VAL A 13 -1.07 -20.13 6.10
N ALA A 14 -0.95 -18.81 6.05
CA ALA A 14 -1.00 -17.97 7.23
C ALA A 14 -2.07 -16.89 7.18
N GLY A 15 -2.89 -16.80 8.23
CA GLY A 15 -3.89 -15.75 8.32
C GLY A 15 -3.39 -14.41 8.87
N LEU A 16 -3.69 -13.33 8.18
CA LEU A 16 -3.22 -12.03 8.58
C LEU A 16 -4.21 -11.25 9.43
N GLY A 17 -5.33 -11.88 9.83
CA GLY A 17 -6.39 -11.13 10.52
C GLY A 17 -7.16 -10.13 9.63
N PRO A 18 -8.08 -9.35 10.24
CA PRO A 18 -8.95 -8.52 9.41
C PRO A 18 -8.35 -7.20 8.97
N GLY A 19 -7.10 -6.90 9.32
CA GLY A 19 -6.47 -5.67 8.85
C GLY A 19 -5.48 -5.07 9.82
N ARG A 20 -5.92 -4.75 11.04
CA ARG A 20 -5.00 -4.12 11.99
C ARG A 20 -3.80 -5.05 12.26
N GLU A 21 -2.60 -4.47 12.22
CA GLU A 21 -1.36 -5.20 12.39
C GLU A 21 -1.31 -5.82 13.79
N ASP A 22 -1.89 -5.14 14.78
CA ASP A 22 -1.85 -5.67 16.14
C ASP A 22 -2.79 -6.85 16.38
N LEU A 23 -3.33 -7.42 15.31
CA LEU A 23 -4.12 -8.63 15.44
C LEU A 23 -3.46 -9.86 14.76
N VAL A 24 -2.27 -9.66 14.18
CA VAL A 24 -1.52 -10.77 13.58
C VAL A 24 -0.90 -11.53 14.74
N THR A 25 -1.04 -12.85 14.75
CA THR A 25 -0.49 -13.64 15.85
C THR A 25 1.01 -13.61 15.80
N PRO A 26 1.69 -13.69 16.96
CA PRO A 26 3.15 -13.82 16.93
C PRO A 26 3.65 -15.03 16.14
N GLU A 27 2.91 -16.13 16.18
CA GLU A 27 3.22 -17.31 15.36
C GLU A 27 3.29 -16.95 13.87
N VAL A 28 2.30 -16.14 13.40
CA VAL A 28 2.26 -15.72 11.99
C VAL A 28 3.36 -14.70 11.72
N THR A 29 3.53 -13.71 12.60
CA THR A 29 4.67 -12.80 12.42
C THR A 29 6.03 -13.59 12.29
N ALA A 30 6.19 -14.67 13.06
CA ALA A 30 7.44 -15.48 13.00
C ALA A 30 7.62 -16.30 11.71
N ALA A 31 6.52 -16.88 11.18
CA ALA A 31 6.57 -17.54 9.88
C ALA A 31 6.96 -16.56 8.75
N LEU A 32 6.38 -15.36 8.79
CA LEU A 32 6.68 -14.34 7.79
C LEU A 32 8.15 -13.96 7.85
N ALA A 33 8.73 -13.94 9.06
CA ALA A 33 10.16 -13.63 9.22
C ALA A 33 11.04 -14.79 8.71
N GLU A 34 10.46 -15.98 8.62
CA GLU A 34 11.19 -17.17 8.11
C GLU A 34 11.06 -17.48 6.62
N ALA A 35 10.03 -16.91 5.97
CA ALA A 35 9.76 -17.12 4.54
C ALA A 35 10.92 -16.78 3.63
N THR A 36 11.24 -17.67 2.66
CA THR A 36 12.02 -17.27 1.49
C THR A 36 11.09 -16.72 0.43
N ASP A 37 9.85 -17.19 0.46
CA ASP A 37 8.88 -16.81 -0.52
C ASP A 37 7.52 -16.46 0.09
N ILE A 38 6.99 -15.28 -0.27
CA ILE A 38 5.61 -14.95 0.07
C ILE A 38 4.70 -14.93 -1.16
N VAL A 39 3.58 -15.66 -1.11
CA VAL A 39 2.61 -15.72 -2.18
C VAL A 39 1.31 -15.10 -1.67
N GLY A 40 0.79 -14.07 -2.35
CA GLY A 40 -0.46 -13.42 -1.94
C GLY A 40 -0.66 -12.01 -2.45
N TYR A 41 -1.58 -11.30 -1.81
CA TYR A 41 -2.02 -10.03 -2.27
C TYR A 41 -1.10 -8.98 -1.68
N ILE A 42 -0.21 -8.46 -2.51
CA ILE A 42 0.90 -7.63 -2.09
C ILE A 42 0.58 -6.44 -1.14
N PRO A 43 -0.52 -5.72 -1.39
CA PRO A 43 -0.83 -4.65 -0.40
C PRO A 43 -0.92 -5.20 1.05
N TYR A 44 -1.29 -6.46 1.24
CA TYR A 44 -1.22 -7.08 2.58
C TYR A 44 0.17 -7.14 3.19
N VAL A 45 1.21 -7.21 2.37
CA VAL A 45 2.55 -7.42 2.88
C VAL A 45 3.56 -6.42 2.33
N ALA A 46 3.05 -5.31 1.80
CA ALA A 46 3.88 -4.22 1.24
C ALA A 46 5.05 -3.77 2.12
N ARG A 47 4.88 -3.81 3.45
CA ARG A 47 5.95 -3.39 4.38
C ARG A 47 6.79 -4.51 5.02
N ILE A 48 6.72 -5.71 4.44
CA ILE A 48 7.61 -6.80 4.82
C ILE A 48 9.06 -6.31 4.88
N ALA A 49 9.79 -6.68 5.93
CA ALA A 49 11.17 -6.24 6.07
C ALA A 49 12.01 -6.85 4.95
N PRO A 50 12.72 -6.04 4.15
CA PRO A 50 13.57 -6.60 3.09
C PRO A 50 14.76 -7.34 3.64
N ARG A 51 15.20 -8.36 2.92
CA ARG A 51 16.41 -9.09 3.29
C ARG A 51 16.88 -10.02 2.17
N GLU A 52 18.15 -10.36 2.24
CA GLU A 52 18.81 -11.20 1.26
C GLU A 52 17.99 -12.49 1.11
N GLY A 53 17.56 -12.76 -0.12
CA GLY A 53 16.88 -14.01 -0.45
C GLY A 53 15.36 -13.98 -0.48
N LEU A 54 14.75 -12.90 0.04
CA LEU A 54 13.26 -12.82 0.10
C LEU A 54 12.65 -12.43 -1.23
N THR A 55 11.67 -13.21 -1.64
CA THR A 55 10.97 -12.94 -2.87
C THR A 55 9.45 -13.06 -2.71
N LEU A 56 8.74 -12.18 -3.40
CA LEU A 56 7.28 -12.05 -3.30
C LEU A 56 6.64 -12.38 -4.63
N HIS A 57 5.50 -13.07 -4.58
CA HIS A 57 4.81 -13.56 -5.78
C HIS A 57 3.41 -13.00 -5.76
N PRO A 58 3.15 -11.94 -6.55
CA PRO A 58 1.84 -11.24 -6.46
C PRO A 58 0.66 -12.04 -7.02
N THR A 59 -0.41 -12.12 -6.25
CA THR A 59 -1.63 -12.73 -6.77
C THR A 59 -2.73 -11.71 -6.55
N ASP A 60 -3.84 -11.91 -7.21
CA ASP A 60 -4.99 -11.06 -6.96
C ASP A 60 -5.67 -11.55 -5.70
N ASN A 61 -6.73 -10.90 -5.26
CA ASN A 61 -7.28 -11.29 -3.97
C ASN A 61 -8.31 -12.40 -4.03
N ARG A 62 -7.91 -13.54 -4.58
CA ARG A 62 -8.88 -14.57 -4.91
C ARG A 62 -8.30 -15.96 -4.62
N VAL A 63 -9.16 -16.94 -4.39
CA VAL A 63 -8.69 -18.31 -4.17
C VAL A 63 -8.51 -19.05 -5.51
N GLU A 64 -7.28 -19.46 -5.83
CA GLU A 64 -7.01 -20.27 -7.04
C GLU A 64 -6.06 -21.46 -6.74
N LEU A 65 -6.32 -22.60 -7.38
CA LEU A 65 -5.51 -23.79 -7.19
C LEU A 65 -4.06 -23.67 -7.71
N ASP A 66 -3.85 -22.90 -8.78
CA ASP A 66 -2.58 -22.85 -9.50
C ASP A 66 -1.42 -22.21 -8.72
N ARG A 67 -1.73 -21.22 -7.91
CA ARG A 67 -0.75 -20.67 -7.01
C ARG A 67 -0.38 -21.68 -5.92
N ALA A 68 -1.35 -22.48 -5.47
CA ALA A 68 -1.09 -23.45 -4.43
C ALA A 68 -0.17 -24.56 -4.95
N THR A 69 -0.43 -25.03 -6.16
CA THR A 69 0.44 -25.98 -6.85
C THR A 69 1.85 -25.39 -6.99
N HIS A 70 1.90 -24.11 -7.33
CA HIS A 70 3.19 -23.46 -7.50
C HIS A 70 3.92 -23.37 -6.17
N ALA A 71 3.18 -23.05 -5.12
CA ALA A 71 3.70 -23.04 -3.77
C ALA A 71 4.33 -24.41 -3.42
N LEU A 72 3.62 -25.49 -3.76
CA LEU A 72 4.11 -26.84 -3.51
C LEU A 72 5.39 -27.11 -4.29
N GLU A 73 5.46 -26.57 -5.51
CA GLU A 73 6.60 -26.83 -6.38
C GLU A 73 7.84 -26.17 -5.86
N MET A 74 7.68 -24.97 -5.29
CA MET A 74 8.80 -24.22 -4.74
C MET A 74 9.30 -24.91 -3.47
N ALA A 75 8.37 -25.42 -2.67
CA ALA A 75 8.73 -26.09 -1.43
C ALA A 75 9.59 -27.31 -1.74
N ALA A 76 9.41 -27.88 -2.93
CA ALA A 76 10.19 -29.03 -3.35
C ALA A 76 11.59 -28.61 -3.79
N GLU A 77 11.77 -27.35 -4.16
CA GLU A 77 13.12 -26.87 -4.41
C GLU A 77 13.80 -26.47 -3.12
N GLY A 78 13.15 -26.71 -1.99
CA GLY A 78 13.69 -26.31 -0.71
C GLY A 78 13.27 -24.93 -0.18
N ARG A 79 12.40 -24.23 -0.92
CA ARG A 79 11.90 -22.91 -0.50
C ARG A 79 10.92 -22.96 0.69
N ARG A 80 10.94 -21.92 1.50
CA ARG A 80 10.05 -21.83 2.64
C ARG A 80 8.96 -20.83 2.26
N VAL A 81 7.80 -21.35 1.87
CA VAL A 81 6.76 -20.61 1.20
C VAL A 81 5.64 -20.31 2.18
N VAL A 82 5.35 -19.02 2.40
CA VAL A 82 4.19 -18.62 3.17
C VAL A 82 3.13 -18.14 2.19
N VAL A 83 1.97 -18.77 2.21
CA VAL A 83 0.87 -18.32 1.37
C VAL A 83 -0.03 -17.55 2.32
N VAL A 84 -0.37 -16.31 1.98
CA VAL A 84 -1.11 -15.49 2.92
C VAL A 84 -2.60 -15.33 2.57
N SER A 85 -3.45 -15.34 3.62
CA SER A 85 -4.86 -14.99 3.50
C SER A 85 -5.23 -13.96 4.54
N SER A 86 -6.19 -13.12 4.22
CA SER A 86 -6.74 -12.25 5.26
C SER A 86 -7.49 -13.14 6.24
N GLY A 87 -7.72 -12.64 7.46
CA GLY A 87 -8.52 -13.35 8.44
C GLY A 87 -7.85 -14.65 8.85
N ASP A 88 -8.64 -15.72 8.90
CA ASP A 88 -8.13 -17.06 9.17
C ASP A 88 -8.05 -17.78 7.84
N PRO A 89 -7.00 -18.60 7.61
CA PRO A 89 -6.85 -19.24 6.28
C PRO A 89 -7.77 -20.45 6.01
N GLY A 90 -8.45 -20.91 7.06
CA GLY A 90 -9.39 -22.01 6.95
C GLY A 90 -10.82 -21.53 6.77
N VAL A 91 -10.97 -20.23 6.55
CA VAL A 91 -12.29 -19.64 6.45
C VAL A 91 -12.47 -19.01 5.06
N PHE A 92 -13.09 -19.77 4.14
CA PHE A 92 -13.29 -19.32 2.74
C PHE A 92 -12.02 -18.71 2.19
N ALA A 93 -10.94 -19.50 2.21
CA ALA A 93 -9.58 -18.98 1.96
C ALA A 93 -8.65 -20.06 1.47
N MET A 94 -7.35 -19.83 1.61
CA MET A 94 -6.35 -20.60 0.85
C MET A 94 -5.97 -22.00 1.41
N ALA A 95 -6.27 -22.27 2.67
CA ALA A 95 -5.91 -23.57 3.25
C ALA A 95 -6.60 -24.71 2.51
N SER A 96 -7.92 -24.58 2.28
CA SER A 96 -8.71 -25.50 1.45
C SER A 96 -8.13 -25.79 0.07
N ALA A 97 -7.85 -24.72 -0.66
CA ALA A 97 -7.27 -24.77 -1.98
C ALA A 97 -5.92 -25.45 -2.01
N LEU A 98 -5.12 -25.25 -0.97
CA LEU A 98 -3.82 -25.93 -0.89
C LEU A 98 -4.03 -27.45 -0.81
N PHE A 99 -5.00 -27.87 -0.02
CA PHE A 99 -5.27 -29.29 0.14
C PHE A 99 -5.95 -29.86 -1.10
N GLU A 100 -6.75 -29.02 -1.77
CA GLU A 100 -7.18 -29.37 -3.14
C GLU A 100 -6.04 -29.52 -4.16
N ALA A 101 -5.09 -28.58 -4.20
CA ALA A 101 -3.97 -28.74 -5.10
C ALA A 101 -3.12 -29.97 -4.75
N LEU A 102 -2.94 -30.25 -3.46
CA LEU A 102 -2.26 -31.44 -3.00
C LEU A 102 -2.95 -32.75 -3.43
N GLU A 103 -4.25 -32.87 -3.21
CA GLU A 103 -4.99 -34.03 -3.67
C GLU A 103 -4.85 -34.23 -5.20
N ALA A 104 -4.79 -33.13 -5.95
CA ALA A 104 -4.70 -33.24 -7.41
C ALA A 104 -3.28 -33.51 -7.90
N HIS A 105 -2.31 -33.41 -7.01
CA HIS A 105 -0.91 -33.63 -7.41
C HIS A 105 -0.21 -34.59 -6.46
N PRO A 106 -0.45 -35.90 -6.62
CA PRO A 106 0.21 -36.86 -5.73
C PRO A 106 1.76 -36.81 -5.73
N GLU A 107 2.37 -36.15 -6.71
CA GLU A 107 3.83 -36.01 -6.74
C GLU A 107 4.45 -35.14 -5.61
N HIS A 108 3.56 -34.44 -4.87
CA HIS A 108 3.92 -33.51 -3.79
C HIS A 108 3.40 -34.07 -2.45
N ALA A 109 2.85 -35.28 -2.49
CA ALA A 109 2.52 -36.01 -1.29
C ALA A 109 3.77 -36.01 -0.41
N GLY A 110 3.60 -35.72 0.88
CA GLY A 110 4.75 -35.65 1.77
C GLY A 110 5.29 -34.24 2.01
N THR A 111 4.97 -33.27 1.15
CA THR A 111 5.37 -31.89 1.40
C THR A 111 5.03 -31.50 2.84
N GLU A 112 5.94 -30.79 3.53
CA GLU A 112 5.60 -30.28 4.85
C GLU A 112 4.65 -29.08 4.76
N ILE A 113 3.55 -29.12 5.51
CA ILE A 113 2.52 -28.12 5.39
C ILE A 113 2.11 -27.69 6.78
N ARG A 114 1.96 -26.39 6.98
CA ARG A 114 1.57 -25.81 8.25
C ARG A 114 0.47 -24.80 7.97
N ILE A 115 -0.63 -24.85 8.73
CA ILE A 115 -1.75 -23.95 8.58
C ILE A 115 -1.85 -23.13 9.88
N LEU A 116 -1.69 -21.80 9.75
CA LEU A 116 -1.57 -20.89 10.91
C LEU A 116 -2.81 -20.00 11.00
N PRO A 117 -3.60 -20.15 12.07
CA PRO A 117 -4.88 -19.47 12.19
C PRO A 117 -4.74 -17.96 12.30
N GLY A 118 -5.84 -17.23 12.14
CA GLY A 118 -5.90 -15.76 12.41
C GLY A 118 -7.29 -15.31 12.87
N ILE A 119 -7.43 -14.04 13.26
CA ILE A 119 -8.72 -13.49 13.66
C ILE A 119 -9.61 -13.42 12.43
N THR A 120 -10.77 -14.09 12.42
CA THR A 120 -11.65 -13.95 11.27
C THR A 120 -12.51 -12.71 11.43
N ALA A 121 -12.78 -12.06 10.29
CA ALA A 121 -13.67 -10.91 10.19
C ALA A 121 -14.97 -10.99 10.99
N MET A 122 -15.65 -12.12 10.98
CA MET A 122 -16.92 -12.21 11.72
C MET A 122 -16.76 -11.92 13.22
N LEU A 123 -15.75 -12.57 13.81
CA LEU A 123 -15.48 -12.46 15.24
C LEU A 123 -14.84 -11.13 15.55
N ALA A 124 -14.11 -10.55 14.60
CA ALA A 124 -13.61 -9.22 14.81
C ALA A 124 -14.77 -8.18 14.76
N ALA A 125 -15.74 -8.38 13.88
CA ALA A 125 -16.96 -7.52 13.85
C ALA A 125 -17.88 -7.75 15.06
N ALA A 126 -18.18 -9.00 15.34
CA ALA A 126 -18.81 -9.39 16.61
C ALA A 126 -18.18 -8.64 17.78
N ALA A 127 -16.84 -8.65 17.85
CA ALA A 127 -16.16 -7.92 18.92
C ALA A 127 -16.52 -6.40 18.90
N ALA A 128 -16.49 -5.76 17.73
CA ALA A 128 -16.73 -4.32 17.68
C ALA A 128 -18.17 -4.01 18.05
N ALA A 129 -19.07 -4.95 17.75
CA ALA A 129 -20.49 -4.81 18.02
C ALA A 129 -20.90 -5.17 19.47
N GLY A 130 -20.04 -5.91 20.17
CA GLY A 130 -20.38 -6.51 21.45
C GLY A 130 -20.34 -8.03 21.43
N ALA A 131 -21.50 -8.66 21.41
CA ALA A 131 -21.54 -10.10 21.44
C ALA A 131 -22.68 -10.74 20.62
N PRO A 132 -22.80 -10.36 19.32
CA PRO A 132 -23.88 -10.89 18.49
C PRO A 132 -23.81 -12.38 18.12
N LEU A 133 -22.64 -12.99 18.24
CA LEU A 133 -22.49 -14.40 17.91
C LEU A 133 -22.21 -15.19 19.18
N GLY A 134 -22.67 -14.64 20.30
CA GLY A 134 -22.52 -15.30 21.60
C GLY A 134 -23.18 -16.65 21.72
N HIS A 135 -24.23 -16.88 20.94
CA HIS A 135 -24.92 -18.17 20.93
C HIS A 135 -24.56 -18.93 19.66
N ASP A 136 -25.09 -20.15 19.52
CA ASP A 136 -24.99 -20.95 18.31
C ASP A 136 -25.10 -20.09 17.05
N PHE A 137 -24.12 -20.22 16.17
CA PHE A 137 -24.08 -19.39 14.97
C PHE A 137 -23.47 -20.15 13.81
N CYS A 138 -23.63 -19.60 12.61
CA CYS A 138 -23.00 -20.20 11.45
C CYS A 138 -22.37 -19.17 10.54
N ALA A 139 -21.42 -19.60 9.72
CA ALA A 139 -20.75 -18.73 8.77
C ALA A 139 -21.12 -19.15 7.37
N ILE A 140 -21.45 -18.17 6.55
CA ILE A 140 -21.99 -18.49 5.23
C ILE A 140 -21.39 -17.58 4.17
N ASN A 141 -20.86 -18.18 3.12
CA ASN A 141 -20.29 -17.43 2.02
C ASN A 141 -21.38 -17.13 0.99
N LEU A 142 -21.62 -15.85 0.71
CA LEU A 142 -22.69 -15.43 -0.22
C LEU A 142 -22.20 -15.11 -1.64
N SER A 143 -20.90 -15.25 -1.91
CA SER A 143 -20.36 -15.06 -3.25
C SER A 143 -19.71 -16.31 -3.78
N ASP A 144 -20.22 -17.48 -3.42
CA ASP A 144 -19.68 -18.66 -4.07
C ASP A 144 -20.40 -18.95 -5.40
N ASN A 145 -19.69 -18.62 -6.48
CA ASN A 145 -20.14 -18.90 -7.84
C ASN A 145 -19.92 -20.37 -8.25
N LEU A 146 -19.12 -21.10 -7.47
CA LEU A 146 -18.90 -22.56 -7.65
C LEU A 146 -20.07 -23.43 -7.17
N LYS A 147 -20.95 -22.85 -6.35
CA LYS A 147 -22.21 -23.50 -5.95
C LYS A 147 -23.38 -23.01 -6.83
N PRO A 148 -24.38 -23.89 -7.07
CA PRO A 148 -25.60 -23.34 -7.64
C PRO A 148 -26.38 -22.63 -6.53
N PHE A 149 -27.05 -21.52 -6.86
CA PHE A 149 -27.84 -20.76 -5.89
C PHE A 149 -28.70 -21.68 -4.99
N GLU A 150 -29.18 -22.76 -5.58
CA GLU A 150 -29.93 -23.81 -4.89
C GLU A 150 -29.36 -24.17 -3.51
N ILE A 151 -28.05 -24.42 -3.42
CA ILE A 151 -27.43 -24.85 -2.15
C ILE A 151 -27.37 -23.74 -1.09
N LEU A 152 -27.00 -22.54 -1.51
CA LEU A 152 -27.03 -21.35 -0.65
C LEU A 152 -28.41 -21.15 0.02
N GLU A 153 -29.46 -21.42 -0.76
CA GLU A 153 -30.84 -21.28 -0.28
C GLU A 153 -31.12 -22.35 0.78
N LYS A 154 -30.75 -23.59 0.50
CA LYS A 154 -30.89 -24.67 1.47
C LYS A 154 -30.15 -24.32 2.79
N ARG A 155 -29.03 -23.62 2.67
CA ARG A 155 -28.24 -23.26 3.83
C ARG A 155 -28.96 -22.15 4.59
N LEU A 156 -29.39 -21.12 3.86
CA LEU A 156 -30.07 -19.99 4.51
C LEU A 156 -31.27 -20.43 5.32
N ARG A 157 -32.19 -21.15 4.69
CA ARG A 157 -33.44 -21.57 5.35
C ARG A 157 -33.24 -22.47 6.57
N HIS A 158 -32.26 -23.36 6.51
CA HIS A 158 -31.97 -24.18 7.68
C HIS A 158 -31.30 -23.44 8.86
N ALA A 159 -30.55 -22.38 8.57
CA ALA A 159 -29.92 -21.60 9.61
C ALA A 159 -31.03 -20.78 10.27
N ALA A 160 -31.91 -20.23 9.42
CA ALA A 160 -33.10 -19.56 9.86
C ALA A 160 -33.93 -20.44 10.77
N ARG A 161 -34.17 -21.69 10.37
CA ARG A 161 -35.12 -22.55 11.09
C ARG A 161 -34.56 -23.12 12.38
N GLY A 162 -33.26 -23.37 12.41
CA GLY A 162 -32.57 -23.83 13.62
C GLY A 162 -32.36 -22.69 14.58
N ASP A 163 -32.69 -21.49 14.11
CA ASP A 163 -32.54 -20.28 14.91
C ASP A 163 -31.07 -20.01 15.25
N PHE A 164 -30.18 -20.34 14.31
CA PHE A 164 -28.77 -19.97 14.35
C PHE A 164 -28.61 -18.48 14.09
N ALA A 165 -27.74 -17.83 14.84
CA ALA A 165 -27.29 -16.51 14.45
C ALA A 165 -26.42 -16.75 13.22
N MET A 166 -26.18 -15.73 12.40
CA MET A 166 -25.39 -15.95 11.18
C MET A 166 -24.44 -14.84 10.80
N ALA A 167 -23.38 -15.23 10.10
CA ALA A 167 -22.49 -14.27 9.51
C ALA A 167 -22.30 -14.53 8.03
N PHE A 168 -22.38 -13.47 7.25
CA PHE A 168 -22.24 -13.53 5.79
C PHE A 168 -20.89 -13.01 5.31
N TYR A 169 -20.12 -13.87 4.65
CA TYR A 169 -18.87 -13.48 4.01
C TYR A 169 -19.14 -13.25 2.52
N ASN A 170 -18.57 -12.17 1.99
CA ASN A 170 -18.70 -11.86 0.56
C ASN A 170 -20.15 -11.58 0.21
N PRO A 171 -20.72 -10.50 0.77
CA PRO A 171 -22.16 -10.34 0.60
C PRO A 171 -22.53 -9.87 -0.82
N ARG A 172 -21.78 -8.90 -1.36
CA ARG A 172 -22.03 -8.37 -2.69
C ARG A 172 -21.16 -9.00 -3.78
N SER A 173 -21.71 -10.00 -4.48
CA SER A 173 -21.04 -10.62 -5.62
C SER A 173 -20.94 -9.64 -6.81
N LYS A 174 -19.75 -9.57 -7.38
CA LYS A 174 -19.48 -8.69 -8.52
C LYS A 174 -20.21 -9.23 -9.74
N SER A 175 -20.21 -10.56 -9.89
CA SER A 175 -20.82 -11.25 -11.04
C SER A 175 -22.19 -11.87 -10.76
N ARG A 176 -22.64 -11.85 -9.49
CA ARG A 176 -24.03 -12.15 -9.14
C ARG A 176 -24.61 -10.94 -8.39
N PRO A 177 -24.72 -9.79 -9.08
CA PRO A 177 -25.11 -8.53 -8.40
C PRO A 177 -26.44 -8.58 -7.62
N HIS A 178 -27.40 -9.37 -8.07
CA HIS A 178 -28.74 -9.42 -7.46
C HIS A 178 -28.94 -10.62 -6.53
N GLN A 179 -27.84 -11.10 -5.93
CA GLN A 179 -27.92 -12.31 -5.09
C GLN A 179 -28.23 -12.02 -3.62
N PHE A 180 -27.60 -10.99 -3.06
CA PHE A 180 -27.82 -10.56 -1.69
C PHE A 180 -29.25 -10.04 -1.48
N THR A 181 -29.84 -9.47 -2.54
CA THR A 181 -31.25 -9.12 -2.57
C THR A 181 -32.10 -10.38 -2.36
N ARG A 182 -31.78 -11.48 -3.04
CA ARG A 182 -32.46 -12.76 -2.80
C ARG A 182 -32.33 -13.19 -1.33
N VAL A 183 -31.10 -13.13 -0.80
CA VAL A 183 -30.83 -13.53 0.59
C VAL A 183 -31.66 -12.78 1.63
N LEU A 184 -31.82 -11.47 1.48
CA LEU A 184 -32.71 -10.69 2.35
C LEU A 184 -34.19 -11.13 2.22
N GLU A 185 -34.59 -11.48 1.00
CA GLU A 185 -35.95 -11.94 0.73
C GLU A 185 -36.17 -13.25 1.48
N ILE A 186 -35.26 -14.20 1.28
CA ILE A 186 -35.32 -15.45 2.04
C ILE A 186 -35.41 -15.16 3.54
N LEU A 187 -34.65 -14.18 4.00
CA LEU A 187 -34.58 -13.88 5.42
C LEU A 187 -35.90 -13.32 5.94
N ARG A 188 -36.42 -12.32 5.24
CA ARG A 188 -37.80 -11.88 5.48
C ARG A 188 -38.77 -13.08 5.43
N GLU A 189 -38.58 -14.01 4.49
CA GLU A 189 -39.47 -15.17 4.41
C GLU A 189 -39.46 -15.99 5.68
N GLU A 190 -38.29 -16.25 6.24
CA GLU A 190 -38.15 -17.24 7.31
C GLU A 190 -38.03 -16.67 8.75
N CYS A 191 -37.94 -15.36 8.87
CA CYS A 191 -37.67 -14.71 10.16
C CYS A 191 -38.66 -13.61 10.51
N GLU A 192 -38.78 -13.32 11.80
CA GLU A 192 -39.59 -12.21 12.29
C GLU A 192 -38.99 -10.87 11.85
N PRO A 193 -39.84 -9.91 11.41
CA PRO A 193 -39.45 -8.57 10.94
C PRO A 193 -38.43 -7.79 11.80
N GLY A 194 -38.54 -7.89 13.13
CA GLY A 194 -37.63 -7.20 14.04
C GLY A 194 -36.29 -7.88 14.30
N ARG A 195 -35.91 -8.82 13.43
CA ARG A 195 -34.65 -9.56 13.54
C ARG A 195 -33.48 -8.64 13.22
N LEU A 196 -32.63 -8.42 14.22
CA LEU A 196 -31.52 -7.50 14.10
C LEU A 196 -30.51 -7.96 13.03
N ILE A 197 -30.16 -7.05 12.12
CA ILE A 197 -29.10 -7.27 11.15
C ILE A 197 -28.09 -6.14 11.29
N LEU A 198 -26.82 -6.52 11.11
CA LEU A 198 -25.69 -5.65 11.38
C LEU A 198 -24.84 -5.66 10.14
N PHE A 199 -24.49 -4.46 9.67
CA PHE A 199 -23.56 -4.33 8.56
C PHE A 199 -22.29 -3.74 9.14
N ALA A 200 -21.23 -4.53 9.10
CA ALA A 200 -19.97 -4.10 9.69
C ALA A 200 -18.90 -3.98 8.62
N ARG A 201 -18.49 -2.74 8.43
CA ARG A 201 -17.71 -2.38 7.28
C ARG A 201 -16.30 -2.06 7.70
N ALA A 202 -15.34 -2.69 7.02
CA ALA A 202 -13.92 -2.35 7.15
C ALA A 202 -13.48 -2.46 8.60
N VAL A 203 -13.85 -3.59 9.21
CA VAL A 203 -13.66 -3.78 10.64
C VAL A 203 -12.17 -3.82 10.99
N THR A 204 -11.81 -3.03 12.00
CA THR A 204 -10.45 -2.83 12.54
C THR A 204 -9.59 -1.88 11.72
N THR A 205 -10.20 -1.26 10.69
CA THR A 205 -9.46 -0.30 9.87
C THR A 205 -9.95 1.07 10.30
N PRO A 206 -9.30 2.14 9.80
CA PRO A 206 -9.74 3.45 10.27
C PRO A 206 -11.07 3.85 9.63
N GLU A 207 -11.49 3.12 8.60
CA GLU A 207 -12.78 3.34 7.97
C GLU A 207 -13.81 2.30 8.39
N GLN A 208 -13.62 1.71 9.56
CA GLN A 208 -14.63 0.86 10.16
C GLN A 208 -15.93 1.62 10.50
N ALA A 209 -17.07 1.04 10.09
CA ALA A 209 -18.38 1.60 10.36
C ALA A 209 -19.40 0.48 10.48
N ILE A 210 -20.26 0.60 11.48
CA ILE A 210 -21.16 -0.48 11.81
C ILE A 210 -22.55 0.05 12.01
N SER A 211 -23.50 -0.49 11.25
CA SER A 211 -24.88 -0.09 11.41
C SER A 211 -25.72 -1.31 11.74
N VAL A 212 -26.57 -1.14 12.75
CA VAL A 212 -27.47 -2.18 13.16
C VAL A 212 -28.87 -1.72 12.78
N VAL A 213 -29.56 -2.51 11.99
CA VAL A 213 -30.95 -2.21 11.63
C VAL A 213 -31.82 -3.47 11.76
N GLU A 214 -33.13 -3.30 11.87
CA GLU A 214 -34.03 -4.46 11.81
C GLU A 214 -34.14 -4.98 10.37
N LEU A 215 -34.40 -6.27 10.22
CA LEU A 215 -34.51 -6.91 8.91
C LEU A 215 -35.51 -6.23 7.98
N ARG A 216 -36.67 -5.86 8.54
CA ARG A 216 -37.70 -5.09 7.83
C ARG A 216 -37.14 -3.86 7.11
N ASP A 217 -36.23 -3.15 7.77
CA ASP A 217 -35.69 -1.87 7.32
C ASP A 217 -34.45 -1.96 6.43
N ALA A 218 -33.93 -3.18 6.27
CA ALA A 218 -32.65 -3.43 5.61
C ALA A 218 -32.76 -3.50 4.10
N THR A 219 -31.74 -2.99 3.41
CA THR A 219 -31.64 -3.05 1.94
C THR A 219 -30.22 -3.56 1.55
N PRO A 220 -30.07 -4.15 0.34
CA PRO A 220 -28.78 -4.79 0.01
C PRO A 220 -27.60 -3.82 -0.15
N GLU A 221 -27.87 -2.61 -0.60
CA GLU A 221 -26.81 -1.63 -0.81
C GLU A 221 -26.19 -1.14 0.51
N MET A 222 -26.65 -1.73 1.62
CA MET A 222 -26.05 -1.51 2.93
C MET A 222 -24.75 -2.30 3.10
N ALA A 223 -24.60 -3.36 2.31
CA ALA A 223 -23.38 -4.14 2.27
C ALA A 223 -22.54 -3.78 1.04
N ASP A 224 -21.20 -3.87 1.17
CA ASP A 224 -20.28 -3.96 0.01
C ASP A 224 -19.28 -5.08 0.26
N MET A 225 -18.22 -5.15 -0.55
CA MET A 225 -17.21 -6.23 -0.38
C MET A 225 -16.27 -6.01 0.80
N ARG A 226 -16.39 -4.85 1.43
CA ARG A 226 -15.62 -4.47 2.61
C ARG A 226 -16.42 -4.79 3.90
N THR A 227 -17.41 -5.66 3.77
CA THR A 227 -18.46 -5.78 4.79
C THR A 227 -18.74 -7.24 5.11
N VAL A 228 -19.00 -7.49 6.38
CA VAL A 228 -19.46 -8.77 6.83
C VAL A 228 -20.80 -8.51 7.54
N VAL A 229 -21.78 -9.36 7.28
CA VAL A 229 -23.14 -9.09 7.74
C VAL A 229 -23.51 -10.11 8.81
N LEU A 230 -23.86 -9.59 9.98
CA LEU A 230 -24.23 -10.44 11.10
C LEU A 230 -25.74 -10.43 11.26
N VAL A 231 -26.29 -11.62 11.40
CA VAL A 231 -27.70 -11.80 11.63
C VAL A 231 -27.84 -12.42 13.01
N GLY A 232 -28.62 -11.80 13.89
CA GLY A 232 -28.84 -12.35 15.22
C GLY A 232 -29.66 -13.63 15.26
N ASN A 233 -29.77 -14.21 16.46
CA ASN A 233 -30.83 -15.18 16.77
C ASN A 233 -32.15 -14.38 16.83
N ALA A 234 -33.26 -15.07 17.07
CA ALA A 234 -34.52 -14.40 17.43
C ALA A 234 -34.41 -13.62 18.73
N ALA A 235 -33.64 -14.12 19.70
CA ALA A 235 -33.46 -13.43 20.99
C ALA A 235 -32.51 -12.21 20.98
N THR A 236 -31.64 -12.17 19.97
CA THR A 236 -30.56 -11.19 19.87
C THR A 236 -31.09 -9.78 19.96
N ARG A 237 -30.53 -9.00 20.87
CA ARG A 237 -31.08 -7.69 21.16
C ARG A 237 -30.06 -6.59 21.39
N ARG A 238 -30.58 -5.44 21.76
CA ARG A 238 -29.83 -4.22 21.70
C ARG A 238 -29.70 -3.75 23.13
N VAL A 239 -28.50 -3.35 23.52
CA VAL A 239 -28.35 -2.60 24.77
C VAL A 239 -27.43 -1.42 24.51
N GLY A 240 -28.06 -0.25 24.36
CA GLY A 240 -27.35 0.96 23.94
C GLY A 240 -26.76 0.79 22.55
N PRO A 241 -25.48 1.13 22.38
CA PRO A 241 -24.80 0.87 21.11
C PRO A 241 -24.52 -0.63 20.86
N TRP A 242 -24.63 -1.46 21.91
CA TRP A 242 -24.19 -2.86 21.85
C TRP A 242 -25.24 -3.88 21.40
N VAL A 243 -24.79 -5.01 20.88
CA VAL A 243 -25.70 -6.07 20.48
C VAL A 243 -25.25 -7.36 21.10
N TYR A 244 -26.19 -8.10 21.67
CA TYR A 244 -25.91 -9.37 22.34
C TYR A 244 -27.13 -10.30 22.31
N THR A 245 -26.90 -11.56 22.64
CA THR A 245 -27.99 -12.54 22.80
C THR A 245 -28.04 -13.04 24.25
N PRO A 246 -29.24 -12.94 24.90
CA PRO A 246 -29.40 -13.42 26.26
C PRO A 246 -29.50 -14.93 26.29
N ARG A 247 -29.39 -15.54 27.47
CA ARG A 247 -29.41 -17.00 27.62
C ARG A 247 -30.61 -17.48 28.42
N GLY B 9 16.98 -11.12 -22.33
CA GLY B 9 17.10 -10.72 -20.89
C GLY B 9 17.51 -9.26 -20.78
N TRP B 10 16.97 -8.52 -19.79
CA TRP B 10 17.38 -7.11 -19.59
C TRP B 10 17.14 -6.49 -18.20
N VAL B 11 17.72 -5.30 -18.03
CA VAL B 11 17.66 -4.48 -16.82
C VAL B 11 17.20 -3.07 -17.21
N THR B 12 15.93 -2.77 -17.01
CA THR B 12 15.46 -1.40 -17.12
C THR B 12 15.48 -0.71 -15.73
N VAL B 13 16.05 0.49 -15.63
CA VAL B 13 15.85 1.31 -14.43
C VAL B 13 14.73 2.29 -14.76
N ALA B 14 13.65 2.23 -13.98
CA ALA B 14 12.45 3.00 -14.33
C ALA B 14 12.07 3.99 -13.24
N GLY B 15 11.78 5.23 -13.63
CA GLY B 15 11.31 6.23 -12.69
C GLY B 15 9.80 6.17 -12.53
N LEU B 16 9.33 6.11 -11.31
CA LEU B 16 7.89 6.03 -11.03
C LEU B 16 7.22 7.38 -10.81
N GLY B 17 7.95 8.48 -10.85
CA GLY B 17 7.27 9.76 -10.60
C GLY B 17 7.18 10.02 -9.10
N PRO B 18 6.58 11.17 -8.74
CA PRO B 18 6.64 11.55 -7.35
C PRO B 18 5.57 10.91 -6.48
N GLY B 19 4.53 10.31 -7.06
CA GLY B 19 3.46 9.73 -6.24
C GLY B 19 2.22 9.27 -7.01
N ARG B 20 1.52 10.24 -7.60
CA ARG B 20 0.24 10.00 -8.24
C ARG B 20 0.44 9.08 -9.46
N GLU B 21 -0.52 8.18 -9.66
CA GLU B 21 -0.43 7.15 -10.71
C GLU B 21 -0.52 7.74 -12.11
N ASP B 22 -1.31 8.80 -12.24
CA ASP B 22 -1.43 9.54 -13.51
C ASP B 22 -0.13 10.26 -13.95
N LEU B 23 0.93 10.20 -13.13
CA LEU B 23 2.22 10.77 -13.56
C LEU B 23 3.22 9.73 -14.08
N VAL B 24 2.90 8.43 -14.03
CA VAL B 24 3.82 7.41 -14.58
C VAL B 24 3.71 7.44 -16.12
N THR B 25 4.83 7.57 -16.82
CA THR B 25 4.74 7.59 -18.28
C THR B 25 4.21 6.28 -18.87
N PRO B 26 3.50 6.38 -20.01
CA PRO B 26 3.08 5.10 -20.60
C PRO B 26 4.26 4.18 -20.88
N GLU B 27 5.42 4.73 -21.24
CA GLU B 27 6.64 3.94 -21.44
C GLU B 27 6.99 3.08 -20.22
N VAL B 28 6.88 3.68 -19.03
CA VAL B 28 7.29 2.98 -17.79
C VAL B 28 6.23 1.93 -17.47
N THR B 29 4.97 2.33 -17.62
CA THR B 29 3.82 1.43 -17.48
C THR B 29 3.98 0.17 -18.37
N ALA B 30 4.44 0.35 -19.62
CA ALA B 30 4.69 -0.79 -20.54
C ALA B 30 5.88 -1.66 -20.13
N ALA B 31 6.92 -1.07 -19.59
CA ALA B 31 8.04 -1.87 -19.07
C ALA B 31 7.63 -2.70 -17.86
N LEU B 32 6.71 -2.17 -17.05
CA LEU B 32 6.26 -2.88 -15.86
C LEU B 32 5.34 -4.06 -16.23
N ALA B 33 4.63 -3.96 -17.36
CA ALA B 33 3.74 -5.04 -17.83
C ALA B 33 4.56 -6.11 -18.52
N GLU B 34 5.81 -5.77 -18.79
CA GLU B 34 6.73 -6.60 -19.55
C GLU B 34 7.66 -7.36 -18.61
N ALA B 35 8.04 -6.72 -17.51
CA ALA B 35 8.96 -7.30 -16.52
C ALA B 35 8.55 -8.72 -16.02
N THR B 36 9.54 -9.61 -15.88
CA THR B 36 9.37 -10.84 -15.09
C THR B 36 9.78 -10.60 -13.61
N ASP B 37 10.68 -9.62 -13.38
CA ASP B 37 11.18 -9.27 -12.03
C ASP B 37 11.25 -7.77 -11.73
N ILE B 38 10.79 -7.37 -10.55
CA ILE B 38 10.79 -5.97 -10.18
C ILE B 38 11.47 -5.83 -8.84
N VAL B 39 12.52 -5.01 -8.83
CA VAL B 39 13.36 -4.83 -7.68
C VAL B 39 13.18 -3.43 -7.13
N GLY B 40 12.73 -3.32 -5.88
CA GLY B 40 12.69 -2.04 -5.22
C GLY B 40 11.71 -1.94 -4.09
N TYR B 41 11.30 -0.72 -3.81
CA TYR B 41 10.53 -0.44 -2.64
C TYR B 41 9.10 -0.83 -2.88
N ILE B 42 8.67 -1.91 -2.21
CA ILE B 42 7.37 -2.55 -2.46
C ILE B 42 6.13 -1.67 -2.26
N PRO B 43 6.09 -0.80 -1.24
CA PRO B 43 4.96 0.14 -1.20
C PRO B 43 4.79 0.94 -2.54
N TYR B 44 5.88 1.20 -3.25
CA TYR B 44 5.79 1.87 -4.57
C TYR B 44 5.13 1.10 -5.67
N VAL B 45 5.08 -0.23 -5.56
CA VAL B 45 4.54 -1.04 -6.66
C VAL B 45 3.58 -2.09 -6.13
N ALA B 46 3.11 -1.88 -4.91
CA ALA B 46 2.20 -2.83 -4.26
C ALA B 46 0.97 -3.13 -5.12
N ARG B 47 0.61 -2.23 -6.02
CA ARG B 47 -0.64 -2.36 -6.78
C ARG B 47 -0.44 -2.95 -8.19
N ILE B 48 0.80 -3.27 -8.51
CA ILE B 48 1.10 -3.91 -9.78
C ILE B 48 0.15 -5.06 -10.16
N ALA B 49 -0.13 -5.17 -11.47
CA ALA B 49 -1.04 -6.19 -11.98
C ALA B 49 -0.46 -7.60 -11.82
N PRO B 50 -1.13 -8.44 -11.02
CA PRO B 50 -0.59 -9.79 -10.79
C PRO B 50 -0.78 -10.65 -12.03
N ARG B 51 0.32 -11.21 -12.52
CA ARG B 51 0.25 -12.21 -13.58
C ARG B 51 1.27 -13.30 -13.28
N GLU B 52 1.37 -14.28 -14.18
CA GLU B 52 2.14 -15.49 -13.90
C GLU B 52 3.61 -15.33 -14.29
N GLY B 53 4.53 -15.64 -13.38
CA GLY B 53 5.95 -15.53 -13.68
C GLY B 53 6.52 -14.16 -13.33
N LEU B 54 5.73 -13.36 -12.61
CA LEU B 54 6.24 -12.10 -12.06
C LEU B 54 6.72 -12.33 -10.62
N THR B 55 7.93 -11.88 -10.32
CA THR B 55 8.49 -11.96 -8.96
C THR B 55 8.82 -10.55 -8.46
N LEU B 56 8.76 -10.31 -7.15
CA LEU B 56 9.22 -9.03 -6.61
C LEU B 56 10.32 -9.22 -5.60
N HIS B 57 11.32 -8.35 -5.65
CA HIS B 57 12.46 -8.39 -4.76
C HIS B 57 12.45 -7.14 -3.89
N PRO B 58 12.01 -7.26 -2.63
CA PRO B 58 11.87 -6.10 -1.77
C PRO B 58 13.21 -5.46 -1.41
N THR B 59 13.26 -4.13 -1.43
CA THR B 59 14.44 -3.42 -0.94
C THR B 59 13.97 -2.32 -0.05
N ASP B 60 14.88 -1.76 0.76
CA ASP B 60 14.55 -0.53 1.47
C ASP B 60 14.60 0.66 0.47
N ASN B 61 14.29 1.87 0.94
CA ASN B 61 14.16 2.94 -0.04
C ASN B 61 15.41 3.80 -0.14
N ARG B 62 16.50 3.20 -0.58
CA ARG B 62 17.77 3.91 -0.71
C ARG B 62 18.60 3.34 -1.86
N VAL B 63 19.74 3.97 -2.13
CA VAL B 63 20.56 3.60 -3.26
C VAL B 63 21.79 2.85 -2.78
N GLU B 64 21.92 1.61 -3.23
CA GLU B 64 23.09 0.78 -2.96
C GLU B 64 23.45 -0.03 -4.21
N LEU B 65 24.65 -0.61 -4.24
CA LEU B 65 25.17 -1.31 -5.42
C LEU B 65 24.83 -2.78 -5.57
N ASP B 66 24.63 -3.47 -4.46
CA ASP B 66 24.48 -4.91 -4.48
C ASP B 66 23.23 -5.30 -5.23
N ARG B 67 22.19 -4.48 -5.10
CA ARG B 67 20.93 -4.78 -5.81
C ARG B 67 21.05 -4.60 -7.34
N ALA B 68 21.87 -3.64 -7.78
CA ALA B 68 22.11 -3.41 -9.20
C ALA B 68 22.86 -4.64 -9.79
N THR B 69 23.87 -5.10 -9.06
CA THR B 69 24.56 -6.33 -9.40
C THR B 69 23.58 -7.51 -9.41
N HIS B 70 22.72 -7.58 -8.40
CA HIS B 70 21.70 -8.60 -8.38
C HIS B 70 20.89 -8.53 -9.67
N ALA B 71 20.55 -7.31 -10.08
CA ALA B 71 19.73 -7.11 -11.26
C ALA B 71 20.45 -7.60 -12.52
N LEU B 72 21.75 -7.36 -12.59
CA LEU B 72 22.55 -7.81 -13.72
C LEU B 72 22.61 -9.34 -13.77
N GLU B 73 22.90 -9.94 -12.61
CA GLU B 73 23.01 -11.39 -12.53
C GLU B 73 21.73 -12.02 -13.09
N MET B 74 20.59 -11.48 -12.69
CA MET B 74 19.30 -12.02 -13.15
C MET B 74 19.03 -11.78 -14.64
N ALA B 75 19.54 -10.68 -15.18
CA ALA B 75 19.36 -10.40 -16.61
C ALA B 75 20.17 -11.43 -17.42
N ALA B 76 21.29 -11.86 -16.85
CA ALA B 76 22.10 -12.92 -17.41
C ALA B 76 21.29 -14.21 -17.66
N GLU B 77 20.59 -14.71 -16.63
CA GLU B 77 19.73 -15.88 -16.75
C GLU B 77 18.48 -15.59 -17.59
N GLY B 78 18.55 -14.63 -18.49
CA GLY B 78 17.44 -14.35 -19.39
C GLY B 78 16.23 -13.66 -18.79
N ARG B 79 16.31 -13.21 -17.52
CA ARG B 79 15.16 -12.54 -16.87
C ARG B 79 14.99 -11.04 -17.26
N ARG B 80 13.75 -10.55 -17.31
CA ARG B 80 13.47 -9.15 -17.65
C ARG B 80 13.22 -8.30 -16.39
N VAL B 81 14.30 -7.64 -15.95
CA VAL B 81 14.38 -6.96 -14.64
C VAL B 81 14.09 -5.46 -14.70
N VAL B 82 13.11 -4.99 -13.93
CA VAL B 82 12.87 -3.55 -13.75
C VAL B 82 13.24 -3.14 -12.32
N VAL B 83 14.31 -2.35 -12.21
CA VAL B 83 14.71 -1.76 -10.95
C VAL B 83 13.90 -0.45 -10.86
N VAL B 84 13.04 -0.30 -9.86
CA VAL B 84 12.20 0.93 -9.78
C VAL B 84 12.82 2.06 -8.92
N SER B 85 12.66 3.30 -9.35
CA SER B 85 13.06 4.45 -8.54
C SER B 85 11.89 5.39 -8.44
N SER B 86 11.76 6.08 -7.32
CA SER B 86 10.83 7.20 -7.23
C SER B 86 11.33 8.25 -8.22
N GLY B 87 10.43 9.07 -8.71
CA GLY B 87 10.79 10.23 -9.52
C GLY B 87 11.35 9.84 -10.87
N ASP B 88 12.52 10.41 -11.19
CA ASP B 88 13.30 10.09 -12.37
C ASP B 88 14.45 9.28 -11.83
N PRO B 89 14.81 8.19 -12.53
CA PRO B 89 15.89 7.31 -12.08
C PRO B 89 17.30 7.88 -12.20
N GLY B 90 17.48 8.99 -12.91
CA GLY B 90 18.80 9.65 -13.01
C GLY B 90 19.01 10.84 -12.06
N VAL B 91 18.05 11.08 -11.17
CA VAL B 91 18.17 12.13 -10.18
C VAL B 91 18.37 11.56 -8.77
N PHE B 92 19.61 11.64 -8.29
CA PHE B 92 20.01 11.01 -7.03
C PHE B 92 19.33 9.64 -6.82
N ALA B 93 19.42 8.74 -7.81
CA ALA B 93 18.70 7.47 -7.79
C ALA B 93 19.51 6.28 -8.36
N MET B 94 18.81 5.21 -8.76
CA MET B 94 19.46 3.92 -9.13
C MET B 94 20.21 3.83 -10.43
N ALA B 95 19.90 4.69 -11.39
CA ALA B 95 20.60 4.63 -12.69
C ALA B 95 22.12 4.67 -12.48
N SER B 96 22.57 5.58 -11.61
CA SER B 96 23.99 5.73 -11.43
C SER B 96 24.62 4.54 -10.74
N ALA B 97 23.87 3.86 -9.87
CA ALA B 97 24.41 2.69 -9.17
C ALA B 97 24.62 1.56 -10.15
N LEU B 98 23.66 1.39 -11.06
CA LEU B 98 23.72 0.36 -12.06
C LEU B 98 24.99 0.48 -12.90
N PHE B 99 25.35 1.70 -13.31
CA PHE B 99 26.51 1.87 -14.16
C PHE B 99 27.78 1.67 -13.36
N GLU B 100 27.81 2.18 -12.14
CA GLU B 100 28.93 1.86 -11.27
C GLU B 100 29.06 0.33 -11.12
N ALA B 101 27.97 -0.35 -10.82
CA ALA B 101 27.96 -1.82 -10.72
C ALA B 101 28.51 -2.48 -12.00
N LEU B 102 28.03 -2.03 -13.16
CA LEU B 102 28.54 -2.47 -14.46
C LEU B 102 30.04 -2.35 -14.62
N GLU B 103 30.58 -1.19 -14.25
CA GLU B 103 32.02 -0.93 -14.38
C GLU B 103 32.86 -1.86 -13.50
N ALA B 104 32.34 -2.22 -12.34
CA ALA B 104 33.02 -3.15 -11.44
C ALA B 104 32.82 -4.61 -11.85
N HIS B 105 31.91 -4.84 -12.80
CA HIS B 105 31.56 -6.21 -13.23
C HIS B 105 31.59 -6.42 -14.76
N PRO B 106 32.79 -6.38 -15.36
CA PRO B 106 32.96 -6.56 -16.81
C PRO B 106 32.31 -7.84 -17.32
N GLU B 107 32.27 -8.88 -16.49
CA GLU B 107 31.59 -10.13 -16.83
C GLU B 107 30.16 -9.88 -17.35
N HIS B 108 29.57 -8.74 -16.95
CA HIS B 108 28.21 -8.36 -17.37
C HIS B 108 28.14 -7.34 -18.50
N ALA B 109 29.29 -6.95 -19.06
CA ALA B 109 29.26 -5.96 -20.13
C ALA B 109 28.30 -6.34 -21.26
N GLY B 110 27.64 -5.33 -21.81
CA GLY B 110 26.68 -5.52 -22.89
C GLY B 110 25.31 -6.06 -22.50
N THR B 111 25.03 -6.16 -21.19
CA THR B 111 23.68 -6.43 -20.70
C THR B 111 22.82 -5.35 -21.30
N GLU B 112 21.73 -5.71 -21.97
CA GLU B 112 20.89 -4.66 -22.53
C GLU B 112 20.29 -3.84 -21.41
N ILE B 113 20.60 -2.54 -21.38
CA ILE B 113 20.23 -1.67 -20.28
C ILE B 113 19.31 -0.56 -20.77
N ARG B 114 18.31 -0.20 -19.98
CA ARG B 114 17.41 0.90 -20.35
C ARG B 114 17.05 1.76 -19.14
N ILE B 115 17.24 3.07 -19.27
CA ILE B 115 16.90 4.03 -18.22
C ILE B 115 15.68 4.82 -18.68
N LEU B 116 14.59 4.72 -17.93
CA LEU B 116 13.35 5.35 -18.34
C LEU B 116 13.00 6.55 -17.42
N PRO B 117 12.89 7.75 -18.00
CA PRO B 117 12.68 8.95 -17.20
C PRO B 117 11.32 9.03 -16.48
N GLY B 118 11.29 9.77 -15.38
CA GLY B 118 10.03 9.99 -14.69
C GLY B 118 9.98 11.44 -14.29
N ILE B 119 8.81 11.88 -13.88
CA ILE B 119 8.64 13.22 -13.34
C ILE B 119 9.35 13.38 -12.01
N THR B 120 10.26 14.33 -11.96
CA THR B 120 11.09 14.43 -10.83
C THR B 120 10.41 15.35 -9.79
N ALA B 121 10.63 15.09 -8.49
CA ALA B 121 9.96 15.83 -7.40
C ALA B 121 10.10 17.35 -7.46
N MET B 122 11.29 17.87 -7.74
CA MET B 122 11.46 19.32 -7.86
C MET B 122 10.53 19.91 -8.92
N LEU B 123 10.29 19.17 -10.00
CA LEU B 123 9.39 19.73 -11.04
C LEU B 123 7.90 19.51 -10.75
N ALA B 124 7.57 18.38 -10.12
CA ALA B 124 6.23 18.21 -9.54
C ALA B 124 5.93 19.32 -8.50
N ALA B 125 6.91 19.58 -7.62
CA ALA B 125 6.84 20.59 -6.59
C ALA B 125 6.78 21.97 -7.21
N ALA B 126 7.62 22.23 -8.21
CA ALA B 126 7.56 23.51 -8.87
C ALA B 126 6.23 23.75 -9.62
N ALA B 127 5.70 22.71 -10.27
CA ALA B 127 4.41 22.85 -10.93
C ALA B 127 3.28 23.17 -9.94
N ALA B 128 3.31 22.55 -8.77
CA ALA B 128 2.25 22.81 -7.80
C ALA B 128 2.27 24.25 -7.32
N ALA B 129 3.46 24.86 -7.28
CA ALA B 129 3.72 26.18 -6.70
C ALA B 129 3.64 27.26 -7.72
N GLY B 130 3.67 26.86 -8.99
CA GLY B 130 3.60 27.85 -10.03
C GLY B 130 4.74 27.70 -10.98
N ALA B 131 5.78 28.51 -10.79
CA ALA B 131 6.99 28.44 -11.61
C ALA B 131 8.24 28.91 -10.90
N PRO B 132 8.55 28.37 -9.70
CA PRO B 132 9.69 28.94 -8.95
C PRO B 132 11.08 28.59 -9.52
N LEU B 133 11.13 27.61 -10.44
CA LEU B 133 12.36 27.13 -11.09
C LEU B 133 12.31 27.42 -12.60
N GLY B 134 11.64 28.50 -12.98
CA GLY B 134 11.47 28.82 -14.40
C GLY B 134 12.70 29.47 -15.03
N HIS B 135 13.67 29.84 -14.19
CA HIS B 135 14.92 30.50 -14.61
C HIS B 135 16.02 29.49 -14.31
N ASP B 136 17.28 29.87 -14.56
CA ASP B 136 18.41 28.96 -14.30
C ASP B 136 18.39 28.47 -12.86
N PHE B 137 18.53 27.16 -12.70
CA PHE B 137 18.43 26.53 -11.40
C PHE B 137 19.38 25.32 -11.21
N CYS B 138 19.53 24.90 -9.97
CA CYS B 138 20.26 23.68 -9.76
C CYS B 138 19.61 22.73 -8.78
N ALA B 139 20.05 21.48 -8.79
CA ALA B 139 19.56 20.48 -7.89
C ALA B 139 20.72 19.98 -7.04
N ILE B 140 20.54 20.00 -5.72
CA ILE B 140 21.58 19.59 -4.75
C ILE B 140 21.09 18.51 -3.75
N ASN B 141 21.88 17.42 -3.63
CA ASN B 141 21.65 16.37 -2.63
C ASN B 141 22.22 16.79 -1.27
N LEU B 142 21.35 16.98 -0.28
CA LEU B 142 21.80 17.37 1.05
C LEU B 142 22.05 16.19 2.00
N SER B 143 21.70 14.98 1.61
CA SER B 143 22.11 13.91 2.49
C SER B 143 22.91 12.75 1.85
N ASP B 144 24.04 13.09 1.25
CA ASP B 144 24.95 12.08 0.65
C ASP B 144 26.25 11.99 1.48
N ASN B 145 26.39 10.88 2.20
CA ASN B 145 27.47 10.74 3.16
C ASN B 145 28.85 10.51 2.56
N LEU B 146 28.88 10.18 1.27
CA LEU B 146 30.16 9.92 0.67
C LEU B 146 30.89 11.19 0.25
N LYS B 147 30.17 12.17 -0.30
CA LYS B 147 30.81 13.49 -0.57
C LYS B 147 30.98 14.22 0.76
N PRO B 148 32.22 14.65 1.08
CA PRO B 148 32.45 15.40 2.32
C PRO B 148 31.72 16.74 2.33
N PHE B 149 31.41 17.23 3.52
CA PHE B 149 30.72 18.51 3.67
C PHE B 149 31.42 19.70 2.99
N GLU B 150 32.74 19.63 2.85
CA GLU B 150 33.53 20.60 2.11
C GLU B 150 32.93 20.81 0.73
N ILE B 151 32.58 19.72 0.06
CA ILE B 151 31.98 19.76 -1.29
C ILE B 151 30.56 20.37 -1.33
N LEU B 152 29.69 19.96 -0.41
CA LEU B 152 28.35 20.53 -0.31
C LEU B 152 28.36 22.06 -0.09
N GLU B 153 29.22 22.51 0.82
CA GLU B 153 29.38 23.92 1.07
C GLU B 153 29.80 24.64 -0.19
N LYS B 154 30.66 24.01 -0.96
CA LYS B 154 31.14 24.59 -2.20
C LYS B 154 30.04 24.68 -3.26
N ARG B 155 29.23 23.63 -3.36
CA ARG B 155 28.15 23.64 -4.33
C ARG B 155 27.14 24.76 -3.95
N LEU B 156 26.85 24.88 -2.67
CA LEU B 156 25.90 25.86 -2.12
C LEU B 156 26.32 27.31 -2.40
N ARG B 157 27.51 27.70 -1.94
CA ARG B 157 27.97 29.09 -2.07
C ARG B 157 28.04 29.49 -3.52
N HIS B 158 28.52 28.60 -4.38
CA HIS B 158 28.54 28.92 -5.80
C HIS B 158 27.15 28.89 -6.45
N ALA B 159 26.24 28.05 -5.96
CA ALA B 159 24.89 28.11 -6.50
C ALA B 159 24.24 29.47 -6.09
N ALA B 160 24.44 29.89 -4.84
CA ALA B 160 24.04 31.23 -4.35
C ALA B 160 24.65 32.45 -5.08
N ARG B 161 25.99 32.48 -5.15
CA ARG B 161 26.75 33.52 -5.84
C ARG B 161 26.42 33.55 -7.32
N GLY B 162 26.15 32.37 -7.90
CA GLY B 162 25.72 32.32 -9.28
C GLY B 162 24.29 32.82 -9.53
N ASP B 163 23.58 33.16 -8.45
CA ASP B 163 22.12 33.53 -8.53
C ASP B 163 21.27 32.50 -9.30
N PHE B 164 21.54 31.22 -9.03
CA PHE B 164 20.70 30.09 -9.46
C PHE B 164 19.56 29.87 -8.49
N ALA B 165 18.38 29.51 -9.00
CA ALA B 165 17.39 28.95 -8.09
C ALA B 165 17.88 27.56 -7.66
N MET B 166 17.39 27.07 -6.55
CA MET B 166 17.85 25.82 -6.00
C MET B 166 16.74 24.82 -5.65
N ALA B 167 17.08 23.54 -5.75
CA ALA B 167 16.22 22.46 -5.31
C ALA B 167 17.03 21.47 -4.47
N PHE B 168 16.59 21.29 -3.22
CA PHE B 168 17.27 20.41 -2.33
C PHE B 168 16.57 19.02 -2.22
N TYR B 169 17.30 17.96 -2.54
CA TYR B 169 16.82 16.59 -2.36
C TYR B 169 17.40 16.02 -1.07
N ASN B 170 16.62 15.17 -0.40
CA ASN B 170 17.03 14.59 0.88
C ASN B 170 17.48 15.69 1.85
N PRO B 171 16.56 16.62 2.20
CA PRO B 171 16.94 17.70 3.13
C PRO B 171 17.24 17.20 4.54
N ARG B 172 16.62 16.09 4.96
CA ARG B 172 16.81 15.55 6.31
C ARG B 172 17.61 14.25 6.38
N SER B 173 18.64 14.25 7.20
CA SER B 173 19.49 13.06 7.30
C SER B 173 19.43 12.44 8.70
N LYS B 174 19.30 11.13 8.74
CA LYS B 174 19.38 10.37 9.98
C LYS B 174 20.80 10.37 10.52
N SER B 175 21.79 10.26 9.65
CA SER B 175 23.19 10.14 10.07
C SER B 175 23.89 11.49 10.24
N ARG B 176 23.42 12.50 9.50
CA ARG B 176 23.96 13.84 9.62
C ARG B 176 22.78 14.77 9.99
N PRO B 177 22.28 14.67 11.24
CA PRO B 177 21.01 15.37 11.54
C PRO B 177 21.16 16.89 11.71
N HIS B 178 22.39 17.37 11.80
CA HIS B 178 22.67 18.81 11.88
C HIS B 178 22.95 19.46 10.54
N GLN B 179 22.97 18.65 9.48
CA GLN B 179 23.42 19.16 8.20
C GLN B 179 22.51 20.25 7.61
N PHE B 180 21.20 20.06 7.70
CA PHE B 180 20.31 21.04 7.11
C PHE B 180 20.43 22.39 7.85
N THR B 181 20.65 22.33 9.16
CA THR B 181 20.93 23.52 9.95
C THR B 181 22.09 24.32 9.37
N ARG B 182 23.18 23.65 9.04
CA ARG B 182 24.36 24.31 8.49
C ARG B 182 24.05 24.93 7.12
N VAL B 183 23.32 24.17 6.31
CA VAL B 183 22.84 24.59 5.00
C VAL B 183 22.06 25.90 5.11
N LEU B 184 21.10 25.98 6.02
CA LEU B 184 20.43 27.27 6.24
C LEU B 184 21.40 28.39 6.63
N GLU B 185 22.40 28.08 7.44
CA GLU B 185 23.44 29.06 7.83
C GLU B 185 24.19 29.53 6.62
N ILE B 186 24.50 28.61 5.71
CA ILE B 186 25.27 29.00 4.52
C ILE B 186 24.45 29.95 3.65
N LEU B 187 23.16 29.64 3.51
CA LEU B 187 22.22 30.51 2.83
C LEU B 187 22.01 31.90 3.49
N ARG B 188 21.98 31.98 4.81
CA ARG B 188 21.93 33.30 5.44
C ARG B 188 23.20 34.13 5.21
N GLU B 189 24.35 33.48 5.03
CA GLU B 189 25.56 34.23 4.68
C GLU B 189 25.54 34.72 3.26
N GLU B 190 24.87 33.97 2.35
CA GLU B 190 25.02 34.23 0.92
C GLU B 190 23.83 34.91 0.26
N CYS B 191 22.64 34.84 0.87
CA CYS B 191 21.45 35.44 0.27
C CYS B 191 20.78 36.48 1.18
N GLU B 192 20.00 37.36 0.55
CA GLU B 192 19.20 38.33 1.26
C GLU B 192 18.14 37.63 2.17
N PRO B 193 17.82 38.23 3.33
CA PRO B 193 16.90 37.56 4.23
C PRO B 193 15.47 37.40 3.66
N GLY B 194 15.13 38.17 2.61
CA GLY B 194 13.86 38.01 1.91
C GLY B 194 13.78 36.85 0.91
N ARG B 195 14.91 36.19 0.63
CA ARG B 195 14.87 35.15 -0.39
C ARG B 195 13.74 34.14 -0.18
N LEU B 196 12.95 33.91 -1.21
CA LEU B 196 11.86 32.96 -1.08
C LEU B 196 12.33 31.50 -1.02
N ILE B 197 11.79 30.79 -0.01
CA ILE B 197 12.06 29.39 0.23
C ILE B 197 10.75 28.63 0.27
N LEU B 198 10.68 27.50 -0.43
CA LEU B 198 9.45 26.71 -0.50
C LEU B 198 9.68 25.29 0.00
N PHE B 199 8.96 24.93 1.05
CA PHE B 199 8.93 23.56 1.56
C PHE B 199 7.77 22.76 0.96
N ALA B 200 8.14 21.75 0.14
CA ALA B 200 7.16 20.94 -0.58
C ALA B 200 7.12 19.46 -0.18
N ARG B 201 6.13 19.12 0.65
CA ARG B 201 6.03 17.79 1.24
C ARG B 201 5.03 16.90 0.51
N ALA B 202 5.44 15.68 0.25
CA ALA B 202 4.57 14.68 -0.34
C ALA B 202 3.73 15.23 -1.49
N VAL B 203 4.38 16.00 -2.35
CA VAL B 203 3.75 16.55 -3.53
C VAL B 203 3.08 15.47 -4.41
N THR B 204 1.89 15.79 -4.89
CA THR B 204 1.06 14.95 -5.77
C THR B 204 0.24 13.93 -5.00
N THR B 205 0.62 13.65 -3.75
CA THR B 205 -0.11 12.70 -2.91
C THR B 205 -1.16 13.52 -2.16
N PRO B 206 -2.15 12.85 -1.50
CA PRO B 206 -3.18 13.68 -0.82
C PRO B 206 -2.67 14.28 0.50
N GLU B 207 -1.51 13.84 0.96
CA GLU B 207 -0.76 14.52 2.04
C GLU B 207 -0.09 15.86 1.62
N GLN B 208 -0.09 16.18 0.33
CA GLN B 208 0.72 17.28 -0.19
C GLN B 208 0.58 18.55 0.64
N ALA B 209 1.71 19.14 1.00
CA ALA B 209 1.68 20.39 1.76
C ALA B 209 2.78 21.28 1.24
N ILE B 210 2.42 22.50 0.89
CA ILE B 210 3.40 23.46 0.43
C ILE B 210 3.34 24.77 1.19
N SER B 211 4.51 25.15 1.70
CA SER B 211 4.68 26.36 2.51
C SER B 211 5.78 27.24 1.88
N VAL B 212 5.45 28.51 1.67
CA VAL B 212 6.38 29.45 1.08
C VAL B 212 6.76 30.48 2.15
N VAL B 213 8.06 30.51 2.46
CA VAL B 213 8.58 31.41 3.48
C VAL B 213 9.78 32.26 3.00
N GLU B 214 10.00 33.40 3.63
CA GLU B 214 11.25 34.12 3.46
C GLU B 214 12.38 33.36 4.15
N LEU B 215 13.59 33.52 3.65
CA LEU B 215 14.73 32.82 4.21
C LEU B 215 14.88 33.08 5.71
N ARG B 216 14.63 34.32 6.13
CA ARG B 216 14.75 34.70 7.56
C ARG B 216 13.84 33.88 8.45
N ASP B 217 12.80 33.28 7.90
CA ASP B 217 11.82 32.52 8.67
C ASP B 217 12.02 30.99 8.63
N ALA B 218 12.89 30.50 7.76
CA ALA B 218 12.95 29.08 7.54
C ALA B 218 13.59 28.39 8.74
N THR B 219 13.13 27.19 9.04
CA THR B 219 13.73 26.34 10.06
C THR B 219 13.91 24.90 9.53
N PRO B 220 14.80 24.11 10.17
CA PRO B 220 14.93 22.72 9.72
C PRO B 220 13.67 21.92 9.93
N GLU B 221 12.89 22.27 10.96
CA GLU B 221 11.69 21.53 11.29
C GLU B 221 10.76 21.54 10.12
N MET B 222 10.89 22.56 9.25
CA MET B 222 9.96 22.74 8.12
C MET B 222 10.04 21.69 7.03
N ALA B 223 11.06 20.81 7.11
CA ALA B 223 11.30 19.75 6.14
C ALA B 223 11.47 18.37 6.80
N ASP B 224 10.90 17.33 6.20
CA ASP B 224 11.16 15.95 6.60
C ASP B 224 11.81 15.19 5.44
N MET B 225 11.81 13.85 5.50
CA MET B 225 12.44 13.08 4.43
C MET B 225 11.55 13.05 3.20
N ARG B 226 10.34 13.57 3.35
CA ARG B 226 9.39 13.54 2.27
C ARG B 226 9.24 14.90 1.63
N THR B 227 10.18 15.81 1.88
CA THR B 227 10.05 17.13 1.28
C THR B 227 11.21 17.49 0.34
N VAL B 228 10.89 18.26 -0.72
CA VAL B 228 11.92 18.91 -1.53
C VAL B 228 11.87 20.39 -1.20
N VAL B 229 13.04 20.99 -1.03
CA VAL B 229 13.08 22.41 -0.68
C VAL B 229 13.57 23.17 -1.89
N LEU B 230 12.82 24.20 -2.26
CA LEU B 230 13.20 24.99 -3.38
C LEU B 230 13.53 26.38 -2.90
N VAL B 231 14.56 26.93 -3.52
CA VAL B 231 15.02 28.26 -3.21
C VAL B 231 14.96 29.02 -4.50
N GLY B 232 14.28 30.16 -4.47
CA GLY B 232 14.23 31.03 -5.64
C GLY B 232 15.59 31.66 -5.92
N ASN B 233 15.75 32.30 -7.08
CA ASN B 233 16.82 33.31 -7.25
C ASN B 233 16.43 34.64 -6.62
N ALA B 234 17.25 35.66 -6.77
CA ALA B 234 17.10 36.84 -5.93
C ALA B 234 15.83 37.60 -6.28
N ALA B 235 15.37 37.45 -7.52
CA ALA B 235 14.20 38.12 -8.02
C ALA B 235 12.92 37.32 -7.86
N THR B 236 13.01 36.04 -7.51
CA THR B 236 11.78 35.22 -7.34
C THR B 236 10.76 35.85 -6.38
N ARG B 237 9.50 35.91 -6.82
CA ARG B 237 8.45 36.67 -6.16
C ARG B 237 7.10 35.95 -6.22
N ARG B 238 6.08 36.62 -5.67
CA ARG B 238 4.72 36.06 -5.58
C ARG B 238 3.70 36.86 -6.40
N VAL B 239 2.67 36.16 -6.87
CA VAL B 239 1.44 36.76 -7.35
C VAL B 239 0.38 35.81 -6.86
N GLY B 240 -0.51 36.33 -6.01
CA GLY B 240 -1.63 35.55 -5.50
C GLY B 240 -1.03 34.40 -4.77
N PRO B 241 -1.58 33.19 -4.94
CA PRO B 241 -0.96 32.02 -4.33
C PRO B 241 0.38 31.57 -4.97
N TRP B 242 0.80 32.19 -6.08
CA TRP B 242 1.83 31.56 -6.91
C TRP B 242 3.25 32.09 -6.70
N VAL B 243 4.22 31.27 -7.09
CA VAL B 243 5.63 31.70 -7.09
C VAL B 243 6.23 31.68 -8.50
N TYR B 244 6.89 32.77 -8.88
CA TYR B 244 7.59 32.79 -10.14
C TYR B 244 8.70 33.81 -10.11
N THR B 245 9.48 33.82 -11.19
CA THR B 245 10.51 34.80 -11.43
C THR B 245 10.26 35.41 -12.80
N PRO B 246 10.19 36.75 -12.88
CA PRO B 246 9.93 37.51 -14.11
C PRO B 246 11.12 37.62 -15.08
N ARG B 247 10.80 37.96 -16.34
CA ARG B 247 11.70 38.16 -17.51
C ARG B 247 12.07 36.82 -18.15
N GLY B 248 11.66 36.57 -19.39
CA GLY B 248 12.04 35.30 -20.07
C GLY B 248 11.89 35.26 -21.59
N MET C 7 -19.60 30.63 -18.62
CA MET C 7 -18.30 30.79 -17.90
C MET C 7 -17.78 29.46 -17.30
N SER C 8 -17.10 29.58 -16.15
CA SER C 8 -16.39 28.47 -15.45
C SER C 8 -15.09 27.97 -16.15
N GLY C 9 -14.39 28.86 -16.84
CA GLY C 9 -13.18 28.49 -17.58
C GLY C 9 -11.93 28.24 -16.73
N TRP C 10 -10.88 27.81 -17.40
CA TRP C 10 -9.58 27.65 -16.77
C TRP C 10 -8.40 27.72 -17.75
N VAL C 11 -7.20 27.94 -17.23
CA VAL C 11 -5.98 27.88 -18.01
C VAL C 11 -5.07 26.85 -17.38
N THR C 12 -4.71 25.86 -18.17
CA THR C 12 -3.78 24.85 -17.79
C THR C 12 -2.52 24.99 -18.64
N VAL C 13 -1.38 25.15 -18.00
CA VAL C 13 -0.13 25.13 -18.76
C VAL C 13 0.45 23.73 -18.65
N ALA C 14 0.61 23.06 -19.78
CA ALA C 14 1.04 21.64 -19.78
C ALA C 14 2.28 21.31 -20.58
N GLY C 15 3.07 20.34 -20.07
CA GLY C 15 4.26 19.84 -20.70
C GLY C 15 3.99 18.61 -21.54
N LEU C 16 4.54 18.57 -22.76
CA LEU C 16 4.28 17.46 -23.67
C LEU C 16 5.45 16.49 -23.69
N GLY C 17 6.44 16.69 -22.83
CA GLY C 17 7.65 15.89 -22.92
C GLY C 17 8.45 16.25 -24.14
N PRO C 18 9.55 15.54 -24.40
CA PRO C 18 10.45 15.96 -25.47
C PRO C 18 10.15 15.45 -26.87
N GLY C 19 9.21 14.54 -27.05
CA GLY C 19 8.82 14.16 -28.41
C GLY C 19 7.86 13.02 -28.42
N ARG C 20 8.36 11.86 -27.98
CA ARG C 20 7.62 10.61 -28.12
C ARG C 20 6.30 10.64 -27.34
N GLU C 21 5.22 10.24 -27.99
CA GLU C 21 3.88 10.27 -27.39
C GLU C 21 3.79 9.47 -26.09
N ASP C 22 4.59 8.41 -25.98
CA ASP C 22 4.58 7.55 -24.81
C ASP C 22 5.25 8.19 -23.56
N LEU C 23 5.69 9.44 -23.66
CA LEU C 23 6.20 10.15 -22.50
C LEU C 23 5.22 11.20 -21.93
N VAL C 24 4.10 11.40 -22.62
CA VAL C 24 3.08 12.32 -22.12
C VAL C 24 2.41 11.67 -20.90
N THR C 25 2.36 12.40 -19.78
CA THR C 25 1.70 11.85 -18.57
C THR C 25 0.19 11.61 -18.81
N PRO C 26 -0.43 10.65 -18.10
CA PRO C 26 -1.90 10.58 -18.27
C PRO C 26 -2.61 11.86 -17.79
N GLU C 27 -2.01 12.57 -16.84
CA GLU C 27 -2.59 13.81 -16.32
C GLU C 27 -2.74 14.79 -17.48
N VAL C 28 -1.71 14.85 -18.33
CA VAL C 28 -1.70 15.79 -19.44
C VAL C 28 -2.69 15.34 -20.53
N THR C 29 -2.69 14.06 -20.83
CA THR C 29 -3.67 13.52 -21.77
C THR C 29 -5.12 13.84 -21.34
N ALA C 30 -5.46 13.64 -20.07
CA ALA C 30 -6.80 13.94 -19.58
C ALA C 30 -7.14 15.45 -19.72
N ALA C 31 -6.15 16.30 -19.49
CA ALA C 31 -6.37 17.74 -19.56
C ALA C 31 -6.57 18.16 -21.02
N LEU C 32 -5.82 17.53 -21.93
CA LEU C 32 -6.01 17.76 -23.34
C LEU C 32 -7.42 17.41 -23.79
N ALA C 33 -7.99 16.32 -23.27
CA ALA C 33 -9.36 15.93 -23.64
C ALA C 33 -10.44 16.87 -23.07
N GLU C 34 -10.15 17.55 -21.99
CA GLU C 34 -11.11 18.50 -21.43
C GLU C 34 -11.03 19.87 -22.14
N ALA C 35 -9.93 20.07 -22.85
CA ALA C 35 -9.60 21.33 -23.53
C ALA C 35 -10.62 21.71 -24.59
N THR C 36 -10.96 22.99 -24.64
CA THR C 36 -11.68 23.59 -25.76
C THR C 36 -10.72 24.36 -26.66
N ASP C 37 -9.66 24.94 -26.08
CA ASP C 37 -8.63 25.61 -26.87
C ASP C 37 -7.22 25.16 -26.50
N ILE C 38 -6.37 25.08 -27.51
CA ILE C 38 -4.96 24.79 -27.38
C ILE C 38 -4.20 26.03 -27.83
N VAL C 39 -3.41 26.60 -26.93
CA VAL C 39 -2.61 27.79 -27.23
C VAL C 39 -1.14 27.43 -27.09
N GLY C 40 -0.31 27.93 -28.00
CA GLY C 40 1.13 27.71 -27.89
C GLY C 40 2.00 28.07 -29.09
N TYR C 41 3.29 27.81 -28.90
CA TYR C 41 4.30 27.93 -29.94
C TYR C 41 4.00 26.95 -31.06
N ILE C 42 4.09 27.45 -32.28
CA ILE C 42 3.67 26.74 -33.48
C ILE C 42 3.90 25.23 -33.45
N PRO C 43 5.16 24.77 -33.33
CA PRO C 43 5.40 23.33 -33.38
C PRO C 43 4.92 22.55 -32.14
N TYR C 44 4.67 23.22 -31.02
CA TYR C 44 4.15 22.46 -29.86
C TYR C 44 2.74 22.04 -30.17
N VAL C 45 1.96 23.03 -30.61
CA VAL C 45 0.59 22.91 -31.01
C VAL C 45 0.38 21.88 -32.13
N ALA C 46 1.31 21.85 -33.09
CA ALA C 46 1.31 20.87 -34.19
C ALA C 46 1.44 19.42 -33.73
N ARG C 47 1.87 19.21 -32.48
CA ARG C 47 1.92 17.84 -31.94
C ARG C 47 0.58 17.34 -31.43
N ILE C 48 -0.41 18.23 -31.41
CA ILE C 48 -1.70 17.87 -30.85
C ILE C 48 -2.66 17.51 -31.97
N ALA C 49 -2.99 16.23 -32.03
CA ALA C 49 -3.89 15.69 -33.05
C ALA C 49 -5.25 16.38 -32.93
N PRO C 50 -5.71 17.08 -33.99
CA PRO C 50 -7.02 17.73 -33.95
C PRO C 50 -8.18 16.76 -33.67
N ARG C 51 -9.27 17.33 -33.17
CA ARG C 51 -10.51 16.60 -32.94
C ARG C 51 -11.64 17.60 -32.93
N GLU C 52 -12.86 17.09 -33.05
CA GLU C 52 -14.08 17.88 -32.83
C GLU C 52 -14.00 18.65 -31.51
N GLY C 53 -14.43 19.91 -31.51
CA GLY C 53 -14.55 20.68 -30.29
C GLY C 53 -13.28 21.40 -29.85
N LEU C 54 -12.20 21.25 -30.61
CA LEU C 54 -10.96 21.88 -30.23
C LEU C 54 -10.58 22.99 -31.21
N THR C 55 -10.36 24.20 -30.71
CA THR C 55 -9.78 25.26 -31.51
C THR C 55 -8.28 25.40 -31.22
N LEU C 56 -7.47 25.42 -32.27
CA LEU C 56 -6.00 25.47 -32.16
C LEU C 56 -5.45 26.85 -32.53
N HIS C 57 -4.61 27.42 -31.65
CA HIS C 57 -4.06 28.76 -31.83
C HIS C 57 -2.53 28.75 -31.89
N PRO C 58 -1.95 28.29 -33.02
CA PRO C 58 -0.49 28.40 -33.15
C PRO C 58 -0.02 29.85 -33.24
N THR C 59 1.19 30.07 -32.75
CA THR C 59 1.71 31.41 -32.62
C THR C 59 3.25 31.30 -32.57
N ASP C 60 3.97 32.34 -33.00
CA ASP C 60 5.44 32.36 -32.85
C ASP C 60 5.86 32.90 -31.49
N ASN C 61 7.15 33.08 -31.26
CA ASN C 61 7.65 33.49 -29.94
C ASN C 61 8.06 34.96 -29.77
N ARG C 62 7.47 35.87 -30.56
CA ARG C 62 7.74 37.33 -30.46
C ARG C 62 7.20 37.87 -29.12
N VAL C 63 5.97 37.54 -28.77
CA VAL C 63 5.45 37.95 -27.48
C VAL C 63 4.72 36.81 -26.76
N GLU C 64 5.49 36.05 -25.96
CA GLU C 64 4.91 34.98 -25.14
C GLU C 64 3.93 35.54 -24.11
N LEU C 65 4.20 36.76 -23.69
CA LEU C 65 3.38 37.43 -22.71
C LEU C 65 1.94 37.62 -23.25
N ASP C 66 1.80 37.88 -24.56
CA ASP C 66 0.46 38.07 -25.14
C ASP C 66 -0.29 36.76 -25.35
N ARG C 67 0.47 35.69 -25.58
CA ARG C 67 -0.10 34.35 -25.59
C ARG C 67 -0.76 34.02 -24.22
N ALA C 68 -0.08 34.40 -23.14
CA ALA C 68 -0.57 34.24 -21.77
C ALA C 68 -1.79 35.12 -21.46
N THR C 69 -1.71 36.37 -21.85
CA THR C 69 -2.83 37.30 -21.70
C THR C 69 -4.05 36.82 -22.49
N HIS C 70 -3.80 36.31 -23.70
CA HIS C 70 -4.86 35.79 -24.56
C HIS C 70 -5.60 34.65 -23.87
N ALA C 71 -4.80 33.69 -23.39
CA ALA C 71 -5.29 32.55 -22.60
C ALA C 71 -6.22 32.94 -21.43
N LEU C 72 -5.84 33.98 -20.67
CA LEU C 72 -6.60 34.39 -19.50
C LEU C 72 -7.96 34.98 -19.92
N GLU C 73 -7.93 35.76 -21.00
CA GLU C 73 -9.13 36.28 -21.65
C GLU C 73 -10.09 35.17 -22.05
N MET C 74 -9.57 34.12 -22.67
CA MET C 74 -10.41 33.00 -23.06
C MET C 74 -11.02 32.35 -21.85
N ALA C 75 -10.20 32.18 -20.81
CA ALA C 75 -10.62 31.56 -19.55
C ALA C 75 -11.79 32.33 -18.95
N ALA C 76 -11.74 33.64 -19.06
CA ALA C 76 -12.79 34.45 -18.49
C ALA C 76 -14.12 34.14 -19.18
N GLU C 77 -14.09 33.87 -20.49
CA GLU C 77 -15.29 33.59 -21.27
C GLU C 77 -15.83 32.19 -21.06
N GLY C 78 -15.14 31.37 -20.27
CA GLY C 78 -15.58 29.99 -20.06
C GLY C 78 -14.80 28.91 -20.78
N ARG C 79 -13.92 29.35 -21.67
CA ARG C 79 -13.06 28.41 -22.41
C ARG C 79 -12.04 27.68 -21.52
N ARG C 80 -11.82 26.41 -21.84
CA ARG C 80 -10.84 25.62 -21.10
C ARG C 80 -9.55 25.53 -21.94
N VAL C 81 -8.57 26.36 -21.58
CA VAL C 81 -7.38 26.53 -22.38
C VAL C 81 -6.24 25.66 -21.85
N VAL C 82 -5.71 24.79 -22.69
CA VAL C 82 -4.40 24.17 -22.42
C VAL C 82 -3.34 24.94 -23.18
N VAL C 83 -2.46 25.60 -22.43
CA VAL C 83 -1.27 26.22 -23.02
C VAL C 83 -0.23 25.13 -23.08
N VAL C 84 0.28 24.85 -24.27
CA VAL C 84 1.23 23.75 -24.44
C VAL C 84 2.70 24.18 -24.48
N SER C 85 3.52 23.35 -23.86
CA SER C 85 4.98 23.44 -23.87
C SER C 85 5.59 22.07 -24.11
N SER C 86 6.78 22.06 -24.71
CA SER C 86 7.54 20.83 -24.80
C SER C 86 8.14 20.55 -23.43
N GLY C 87 8.48 19.29 -23.18
CA GLY C 87 9.18 18.92 -21.95
C GLY C 87 8.30 19.23 -20.76
N ASP C 88 8.83 20.02 -19.83
CA ASP C 88 8.05 20.43 -18.66
C ASP C 88 7.77 21.94 -18.78
N PRO C 89 6.55 22.40 -18.43
CA PRO C 89 6.16 23.80 -18.64
C PRO C 89 6.87 24.81 -17.72
N GLY C 90 7.53 24.29 -16.68
CA GLY C 90 8.31 25.11 -15.76
C GLY C 90 9.82 25.17 -16.08
N VAL C 91 10.24 24.56 -17.18
CA VAL C 91 11.65 24.60 -17.58
C VAL C 91 11.78 25.46 -18.83
N PHE C 92 12.25 26.69 -18.63
CA PHE C 92 12.39 27.68 -19.72
C PHE C 92 11.20 27.68 -20.65
N ALA C 93 10.03 28.02 -20.11
CA ALA C 93 8.79 27.82 -20.85
C ALA C 93 7.60 28.66 -20.33
N MET C 94 6.37 28.23 -20.63
CA MET C 94 5.18 29.11 -20.48
C MET C 94 4.62 29.38 -19.08
N ALA C 95 4.86 28.48 -18.15
CA ALA C 95 4.29 28.61 -16.80
C ALA C 95 4.66 29.99 -16.26
N SER C 96 5.93 30.34 -16.42
CA SER C 96 6.53 31.58 -15.94
C SER C 96 5.87 32.82 -16.56
N ALA C 97 5.77 32.83 -17.89
CA ALA C 97 5.06 33.87 -18.66
C ALA C 97 3.62 34.06 -18.24
N LEU C 98 2.91 32.96 -18.01
CA LEU C 98 1.54 33.04 -17.51
C LEU C 98 1.47 33.78 -16.18
N PHE C 99 2.38 33.47 -15.23
CA PHE C 99 2.34 34.18 -13.95
C PHE C 99 2.73 35.64 -14.07
N GLU C 100 3.66 35.96 -14.97
CA GLU C 100 4.01 37.36 -15.23
C GLU C 100 2.87 38.14 -15.88
N ALA C 101 2.15 37.51 -16.79
CA ALA C 101 0.97 38.12 -17.39
C ALA C 101 -0.13 38.29 -16.34
N LEU C 102 -0.33 37.29 -15.47
CA LEU C 102 -1.24 37.45 -14.36
C LEU C 102 -0.89 38.65 -13.45
N GLU C 103 0.40 38.85 -13.17
CA GLU C 103 0.79 39.95 -12.29
C GLU C 103 0.51 41.31 -12.95
N ALA C 104 0.73 41.38 -14.27
CA ALA C 104 0.58 42.62 -15.01
C ALA C 104 -0.88 42.96 -15.38
N HIS C 105 -1.77 41.98 -15.25
CA HIS C 105 -3.19 42.17 -15.56
C HIS C 105 -4.07 41.76 -14.36
N PRO C 106 -4.11 42.60 -13.31
CA PRO C 106 -4.78 42.20 -12.07
C PRO C 106 -6.23 41.81 -12.24
N GLU C 107 -6.90 42.39 -13.25
CA GLU C 107 -8.29 42.01 -13.62
C GLU C 107 -8.54 40.49 -13.69
N HIS C 108 -7.49 39.73 -14.01
CA HIS C 108 -7.56 38.27 -14.17
C HIS C 108 -7.33 37.45 -12.90
N ALA C 109 -7.06 38.13 -11.79
CA ALA C 109 -6.83 37.48 -10.49
C ALA C 109 -7.93 36.48 -10.17
N GLY C 110 -7.54 35.32 -9.67
CA GLY C 110 -8.50 34.28 -9.35
C GLY C 110 -8.86 33.35 -10.50
N THR C 111 -8.31 33.57 -11.70
CA THR C 111 -8.45 32.60 -12.81
C THR C 111 -7.99 31.23 -12.35
N GLU C 112 -8.72 30.19 -12.70
CA GLU C 112 -8.27 28.87 -12.35
C GLU C 112 -7.05 28.43 -13.18
N ILE C 113 -5.91 28.32 -12.51
CA ILE C 113 -4.66 27.97 -13.18
C ILE C 113 -4.15 26.61 -12.69
N ARG C 114 -3.79 25.75 -13.63
CA ARG C 114 -3.12 24.52 -13.28
C ARG C 114 -1.87 24.36 -14.13
N ILE C 115 -0.77 24.02 -13.48
CA ILE C 115 0.50 23.74 -14.14
C ILE C 115 0.78 22.24 -14.01
N LEU C 116 0.97 21.58 -15.14
CA LEU C 116 1.08 20.13 -15.16
C LEU C 116 2.47 19.71 -15.66
N PRO C 117 3.24 18.99 -14.82
CA PRO C 117 4.65 18.65 -15.16
C PRO C 117 4.79 17.75 -16.39
N GLY C 118 6.00 17.72 -16.96
CA GLY C 118 6.34 16.83 -18.08
C GLY C 118 7.80 16.40 -18.02
N ILE C 119 8.20 15.42 -18.85
CA ILE C 119 9.60 14.95 -18.92
C ILE C 119 10.47 16.00 -19.59
N THR C 120 11.40 16.57 -18.84
CA THR C 120 12.19 17.66 -19.40
C THR C 120 13.30 17.09 -20.26
N ALA C 121 13.78 17.86 -21.23
CA ALA C 121 14.73 17.35 -22.22
C ALA C 121 16.05 16.89 -21.62
N MET C 122 16.55 17.59 -20.61
CA MET C 122 17.81 17.15 -19.98
C MET C 122 17.77 15.73 -19.40
N LEU C 123 16.67 15.35 -18.76
CA LEU C 123 16.58 14.05 -18.13
C LEU C 123 16.21 12.96 -19.11
N ALA C 124 15.44 13.30 -20.13
CA ALA C 124 15.30 12.33 -21.20
C ALA C 124 16.64 12.08 -21.90
N ALA C 125 17.44 13.14 -22.07
CA ALA C 125 18.77 13.03 -22.68
C ALA C 125 19.70 12.26 -21.76
N ALA C 126 19.73 12.67 -20.49
CA ALA C 126 20.51 11.97 -19.52
C ALA C 126 20.17 10.46 -19.50
N ALA C 127 18.88 10.15 -19.51
CA ALA C 127 18.40 8.76 -19.50
C ALA C 127 18.97 7.93 -20.68
N ALA C 128 19.02 8.53 -21.87
CA ALA C 128 19.52 7.86 -23.07
C ALA C 128 21.04 7.73 -23.03
N ALA C 129 21.72 8.63 -22.31
CA ALA C 129 23.18 8.62 -22.19
C ALA C 129 23.68 7.73 -21.08
N GLY C 130 22.76 7.25 -20.24
CA GLY C 130 23.13 6.52 -19.01
C GLY C 130 22.72 7.24 -17.71
N ALA C 131 23.69 7.82 -17.02
CA ALA C 131 23.33 8.70 -15.88
C ALA C 131 24.28 9.90 -15.73
N PRO C 132 24.33 10.78 -16.75
CA PRO C 132 25.32 11.88 -16.71
C PRO C 132 25.02 12.94 -15.68
N LEU C 133 23.77 13.02 -15.22
CA LEU C 133 23.36 14.06 -14.25
C LEU C 133 23.03 13.48 -12.85
N GLY C 134 23.64 12.37 -12.51
CA GLY C 134 23.32 11.62 -11.31
C GLY C 134 23.88 12.21 -10.06
N HIS C 135 24.66 13.29 -10.21
CA HIS C 135 25.16 14.12 -9.11
C HIS C 135 24.60 15.56 -9.20
N ASP C 136 24.89 16.43 -8.23
CA ASP C 136 24.43 17.82 -8.26
C ASP C 136 24.66 18.35 -9.68
N PHE C 137 23.67 19.10 -10.18
CA PHE C 137 23.68 19.57 -11.55
C PHE C 137 22.87 20.84 -11.67
N CYS C 138 23.05 21.56 -12.78
CA CYS C 138 22.25 22.75 -13.00
C CYS C 138 21.74 22.78 -14.43
N ALA C 139 20.71 23.58 -14.65
CA ALA C 139 20.21 23.85 -15.99
C ALA C 139 20.37 25.33 -16.28
N ILE C 140 20.85 25.64 -17.49
CA ILE C 140 21.07 27.00 -17.95
C ILE C 140 20.52 27.22 -19.36
N ASN C 141 19.73 28.29 -19.54
CA ASN C 141 19.18 28.66 -20.86
C ASN C 141 20.20 29.52 -21.63
N LEU C 142 20.46 29.17 -22.88
CA LEU C 142 21.46 29.89 -23.72
C LEU C 142 20.86 30.72 -24.87
N SER C 143 19.57 31.02 -24.79
CA SER C 143 18.89 31.90 -25.73
C SER C 143 17.90 32.78 -25.02
N ASP C 144 18.24 33.30 -23.84
CA ASP C 144 17.35 34.22 -23.14
C ASP C 144 17.75 35.61 -23.43
N ASN C 145 17.06 36.22 -24.39
CA ASN C 145 17.45 37.54 -24.85
C ASN C 145 17.30 38.62 -23.82
N LEU C 146 16.57 38.36 -22.74
CA LEU C 146 16.42 39.39 -21.69
C LEU C 146 17.43 39.21 -20.54
N LYS C 147 18.24 38.16 -20.67
CA LYS C 147 19.34 37.86 -19.73
C LYS C 147 20.66 38.37 -20.31
N PRO C 148 21.14 39.51 -19.79
CA PRO C 148 22.40 40.10 -20.26
C PRO C 148 23.54 39.06 -20.23
N PHE C 149 24.53 39.20 -21.09
CA PHE C 149 25.63 38.23 -21.15
C PHE C 149 26.37 38.03 -19.84
N GLU C 150 26.60 39.14 -19.15
CA GLU C 150 27.21 39.18 -17.83
C GLU C 150 26.62 38.19 -16.84
N ILE C 151 25.28 38.12 -16.79
CA ILE C 151 24.59 37.12 -15.94
C ILE C 151 24.84 35.66 -16.40
N LEU C 152 24.67 35.37 -17.70
CA LEU C 152 25.03 34.05 -18.25
C LEU C 152 26.43 33.70 -17.75
N GLU C 153 27.36 34.64 -17.95
CA GLU C 153 28.78 34.38 -17.67
C GLU C 153 29.03 34.05 -16.20
N LYS C 154 28.40 34.85 -15.35
CA LYS C 154 28.41 34.62 -13.90
C LYS C 154 27.80 33.24 -13.54
N ARG C 155 26.86 32.75 -14.34
CA ARG C 155 26.22 31.47 -14.02
C ARG C 155 27.14 30.32 -14.45
N LEU C 156 27.69 30.39 -15.66
CA LEU C 156 28.62 29.36 -16.15
C LEU C 156 29.81 29.26 -15.22
N ARG C 157 30.38 30.41 -14.84
CA ARG C 157 31.58 30.38 -14.01
C ARG C 157 31.37 29.76 -12.65
N HIS C 158 30.30 30.17 -11.96
CA HIS C 158 29.98 29.52 -10.69
C HIS C 158 29.51 28.06 -10.88
N ALA C 159 28.77 27.76 -11.93
CA ALA C 159 28.41 26.38 -12.13
C ALA C 159 29.72 25.56 -12.28
N ALA C 160 30.69 26.13 -12.99
CA ALA C 160 31.99 25.44 -13.24
C ALA C 160 32.75 25.24 -11.96
N ARG C 161 32.90 26.33 -11.21
CA ARG C 161 33.70 26.27 -9.97
C ARG C 161 33.03 25.45 -8.86
N GLY C 162 31.71 25.36 -8.89
CA GLY C 162 30.99 24.53 -7.94
C GLY C 162 31.10 23.05 -8.27
N ASP C 163 31.64 22.72 -9.43
CA ASP C 163 31.73 21.35 -9.95
C ASP C 163 30.35 20.70 -10.13
N PHE C 164 29.43 21.47 -10.69
CA PHE C 164 28.12 21.01 -11.10
C PHE C 164 28.21 20.44 -12.49
N ALA C 165 27.59 19.28 -12.70
CA ALA C 165 27.22 18.87 -14.03
C ALA C 165 26.28 19.97 -14.54
N MET C 166 26.19 20.16 -15.85
CA MET C 166 25.38 21.24 -16.42
C MET C 166 24.53 20.74 -17.57
N ALA C 167 23.42 21.43 -17.83
CA ALA C 167 22.54 21.15 -18.97
C ALA C 167 22.19 22.45 -19.64
N PHE C 168 22.49 22.51 -20.92
CA PHE C 168 22.30 23.73 -21.68
C PHE C 168 21.07 23.61 -22.57
N TYR C 169 20.09 24.47 -22.31
CA TYR C 169 18.90 24.55 -23.12
C TYR C 169 19.09 25.66 -24.17
N ASN C 170 18.50 25.47 -25.35
CA ASN C 170 18.59 26.51 -26.38
C ASN C 170 20.05 26.87 -26.72
N PRO C 171 20.88 25.85 -27.04
CA PRO C 171 22.32 26.13 -27.36
C PRO C 171 22.56 27.10 -28.55
N ARG C 172 21.68 27.10 -29.55
CA ARG C 172 21.86 27.94 -30.74
C ARG C 172 20.84 29.07 -30.81
N SER C 173 21.29 30.29 -30.54
CA SER C 173 20.43 31.45 -30.62
C SER C 173 20.54 32.04 -32.01
N LYS C 174 19.41 32.10 -32.72
CA LYS C 174 19.32 32.76 -34.02
C LYS C 174 19.56 34.26 -33.86
N SER C 175 19.21 34.83 -32.72
CA SER C 175 19.39 36.26 -32.50
C SER C 175 20.78 36.62 -31.99
N ARG C 176 21.39 35.75 -31.17
CA ARG C 176 22.76 35.92 -30.71
C ARG C 176 23.59 34.74 -31.20
N PRO C 177 23.87 34.66 -32.51
CA PRO C 177 24.45 33.41 -33.07
C PRO C 177 25.90 33.09 -32.68
N HIS C 178 26.55 33.98 -31.92
CA HIS C 178 27.94 33.70 -31.48
C HIS C 178 28.03 33.41 -30.00
N GLN C 179 26.85 33.34 -29.37
CA GLN C 179 26.76 33.05 -27.94
C GLN C 179 27.32 31.68 -27.54
N PHE C 180 26.96 30.64 -28.25
CA PHE C 180 27.50 29.34 -27.91
C PHE C 180 29.04 29.32 -27.89
N THR C 181 29.67 29.92 -28.89
CA THR C 181 31.13 30.02 -28.93
C THR C 181 31.69 30.58 -27.64
N ARG C 182 31.19 31.74 -27.23
CA ARG C 182 31.69 32.32 -26.00
C ARG C 182 31.45 31.45 -24.74
N VAL C 183 30.32 30.73 -24.69
CA VAL C 183 30.06 29.70 -23.65
C VAL C 183 31.18 28.63 -23.59
N LEU C 184 31.52 28.03 -24.72
CA LEU C 184 32.63 27.08 -24.77
C LEU C 184 33.97 27.68 -24.34
N GLU C 185 34.25 28.90 -24.78
CA GLU C 185 35.48 29.55 -24.34
C GLU C 185 35.51 29.65 -22.83
N ILE C 186 34.39 30.00 -22.22
CA ILE C 186 34.34 30.07 -20.78
C ILE C 186 34.59 28.67 -20.18
N LEU C 187 33.87 27.66 -20.66
CA LEU C 187 34.09 26.28 -20.22
C LEU C 187 35.57 25.86 -20.30
N ARG C 188 36.19 26.13 -21.44
CA ARG C 188 37.63 25.85 -21.64
C ARG C 188 38.54 26.63 -20.69
N GLU C 189 38.11 27.81 -20.24
CA GLU C 189 38.86 28.53 -19.21
C GLU C 189 38.69 28.01 -17.78
N GLU C 190 37.60 27.28 -17.52
CA GLU C 190 37.31 26.85 -16.15
C GLU C 190 37.43 25.35 -15.93
N CYS C 191 37.52 24.58 -17.00
CA CYS C 191 37.48 23.13 -16.89
C CYS C 191 38.63 22.43 -17.59
N GLU C 192 39.04 21.32 -16.98
CA GLU C 192 40.06 20.43 -17.53
C GLU C 192 39.67 20.01 -18.95
N PRO C 193 40.64 19.90 -19.87
CA PRO C 193 40.28 19.73 -21.27
C PRO C 193 39.62 18.40 -21.58
N GLY C 194 39.67 17.47 -20.63
CA GLY C 194 39.07 16.14 -20.79
C GLY C 194 37.61 16.03 -20.36
N ARG C 195 37.06 17.12 -19.81
CA ARG C 195 35.65 17.16 -19.38
C ARG C 195 34.69 16.61 -20.43
N LEU C 196 33.78 15.74 -20.03
CA LEU C 196 32.85 15.14 -20.98
C LEU C 196 31.69 16.07 -21.27
N ILE C 197 31.38 16.22 -22.54
CA ILE C 197 30.33 17.07 -23.02
C ILE C 197 29.51 16.16 -23.90
N LEU C 198 28.18 16.17 -23.71
CA LEU C 198 27.29 15.37 -24.54
C LEU C 198 26.44 16.27 -25.39
N PHE C 199 26.37 15.94 -26.67
CA PHE C 199 25.49 16.60 -27.59
C PHE C 199 24.35 15.64 -27.87
N ALA C 200 23.17 15.99 -27.36
CA ALA C 200 22.00 15.14 -27.48
C ALA C 200 20.93 15.81 -28.32
N ARG C 201 20.70 15.26 -29.52
CA ARG C 201 19.87 15.89 -30.52
C ARG C 201 18.57 15.12 -30.70
N ALA C 202 17.46 15.84 -30.67
CA ALA C 202 16.14 15.25 -30.94
C ALA C 202 15.87 14.01 -30.11
N VAL C 203 16.09 14.14 -28.82
CA VAL C 203 16.02 13.02 -27.91
C VAL C 203 14.60 12.49 -27.90
N THR C 204 14.48 11.16 -27.95
CA THR C 204 13.20 10.44 -28.01
C THR C 204 12.59 10.37 -29.40
N THR C 205 13.04 11.19 -30.34
CA THR C 205 12.49 11.07 -31.70
C THR C 205 13.16 9.94 -32.50
N PRO C 206 12.60 9.58 -33.66
CA PRO C 206 13.39 8.70 -34.53
C PRO C 206 14.69 9.34 -35.04
N GLU C 207 14.79 10.67 -34.99
CA GLU C 207 16.05 11.34 -35.36
C GLU C 207 16.99 11.63 -34.18
N GLN C 208 16.87 10.87 -33.09
CA GLN C 208 17.77 11.01 -31.95
C GLN C 208 19.21 10.66 -32.33
N ALA C 209 20.15 11.49 -31.89
CA ALA C 209 21.58 11.21 -32.09
C ALA C 209 22.32 11.76 -30.89
N ILE C 210 23.21 10.95 -30.32
CA ILE C 210 23.98 11.35 -29.14
C ILE C 210 25.46 11.16 -29.39
N SER C 211 26.24 12.20 -29.16
CA SER C 211 27.68 12.09 -29.22
C SER C 211 28.31 12.70 -27.99
N VAL C 212 29.27 11.97 -27.43
CA VAL C 212 30.00 12.34 -26.25
C VAL C 212 31.37 12.73 -26.75
N VAL C 213 31.94 13.81 -26.21
CA VAL C 213 33.27 14.26 -26.60
C VAL C 213 34.02 14.92 -25.42
N GLU C 214 35.34 15.01 -25.53
CA GLU C 214 36.12 15.77 -24.56
C GLU C 214 35.94 17.23 -24.96
N LEU C 215 35.96 18.11 -23.96
CA LEU C 215 35.79 19.55 -24.12
C LEU C 215 36.82 20.20 -25.06
N ARG C 216 38.07 19.73 -25.00
CA ARG C 216 39.13 20.19 -25.93
C ARG C 216 38.69 20.04 -27.39
N ASP C 217 37.80 19.08 -27.68
CA ASP C 217 37.29 18.89 -29.04
C ASP C 217 35.94 19.53 -29.35
N ALA C 218 35.16 19.86 -28.34
CA ALA C 218 33.79 20.37 -28.54
C ALA C 218 33.79 21.62 -29.39
N THR C 219 32.82 21.71 -30.32
CA THR C 219 32.60 22.94 -31.11
C THR C 219 31.11 23.31 -31.20
N PRO C 220 30.82 24.60 -31.47
CA PRO C 220 29.48 25.18 -31.52
C PRO C 220 28.52 24.47 -32.47
N GLU C 221 29.00 24.07 -33.64
CA GLU C 221 28.12 23.44 -34.62
C GLU C 221 27.83 21.96 -34.32
N MET C 222 28.30 21.47 -33.18
CA MET C 222 27.90 20.14 -32.72
C MET C 222 26.44 20.13 -32.21
N ALA C 223 25.92 21.33 -31.98
CA ALA C 223 24.56 21.56 -31.46
C ALA C 223 23.73 22.38 -32.45
N ASP C 224 22.50 21.92 -32.72
CA ASP C 224 21.49 22.74 -33.43
C ASP C 224 20.32 23.15 -32.51
N MET C 225 19.14 23.35 -33.10
CA MET C 225 17.94 23.82 -32.37
C MET C 225 17.32 22.77 -31.44
N ARG C 226 17.44 21.51 -31.84
CA ARG C 226 16.81 20.39 -31.15
C ARG C 226 17.81 19.66 -30.28
N THR C 227 18.80 20.37 -29.76
CA THR C 227 19.88 19.76 -29.04
C THR C 227 19.92 20.33 -27.62
N VAL C 228 20.11 19.46 -26.63
CA VAL C 228 20.43 19.85 -25.30
C VAL C 228 21.86 19.39 -25.06
N VAL C 229 22.67 20.21 -24.40
CA VAL C 229 24.06 19.88 -24.18
C VAL C 229 24.35 19.55 -22.71
N LEU C 230 24.78 18.32 -22.43
CA LEU C 230 25.18 17.99 -21.06
C LEU C 230 26.69 18.04 -20.83
N VAL C 231 27.05 18.57 -19.68
CA VAL C 231 28.43 18.69 -19.31
C VAL C 231 28.58 17.90 -18.05
N GLY C 232 29.58 17.03 -17.97
CA GLY C 232 29.76 16.26 -16.73
C GLY C 232 30.30 17.13 -15.63
N ASN C 233 30.30 16.66 -14.39
CA ASN C 233 31.23 17.27 -13.44
C ASN C 233 32.62 16.66 -13.64
N ALA C 234 33.59 17.01 -12.79
CA ALA C 234 34.97 16.57 -13.02
C ALA C 234 35.14 15.06 -13.07
N ALA C 235 34.32 14.31 -12.33
CA ALA C 235 34.47 12.86 -12.20
C ALA C 235 33.67 12.06 -13.24
N THR C 236 32.82 12.72 -14.00
CA THR C 236 32.04 11.98 -15.01
C THR C 236 32.96 11.14 -15.91
N ARG C 237 32.52 9.93 -16.25
CA ARG C 237 33.36 9.02 -17.04
C ARG C 237 32.49 8.13 -17.89
N ARG C 238 33.16 7.35 -18.73
CA ARG C 238 32.50 6.39 -19.59
C ARG C 238 32.54 5.00 -18.94
N VAL C 239 31.59 4.15 -19.32
CA VAL C 239 31.68 2.70 -19.18
C VAL C 239 30.86 2.17 -20.34
N GLY C 240 31.49 1.40 -21.20
CA GLY C 240 30.84 0.97 -22.45
C GLY C 240 30.21 2.18 -23.14
N PRO C 241 29.02 1.99 -23.71
CA PRO C 241 28.30 3.10 -24.38
C PRO C 241 27.72 4.14 -23.42
N TRP C 242 27.95 3.98 -22.12
CA TRP C 242 27.31 4.83 -21.10
C TRP C 242 28.19 5.90 -20.53
N VAL C 243 27.51 6.90 -19.94
CA VAL C 243 28.13 7.98 -19.18
C VAL C 243 27.51 8.14 -17.79
N TYR C 244 28.36 8.33 -16.78
CA TYR C 244 27.90 8.41 -15.41
C TYR C 244 28.97 8.99 -14.51
N THR C 245 28.58 9.25 -13.28
CA THR C 245 29.51 9.80 -12.30
C THR C 245 29.59 8.90 -11.09
N PRO C 246 30.81 8.46 -10.72
CA PRO C 246 30.92 7.53 -9.61
C PRO C 246 30.61 8.18 -8.25
N ARG C 247 30.06 7.41 -7.31
CA ARG C 247 29.78 7.92 -5.95
C ARG C 247 31.05 8.36 -5.19
N GLY C 248 32.22 7.88 -5.62
CA GLY C 248 33.51 8.43 -5.19
C GLY C 248 33.73 8.58 -3.69
N SER D 8 -10.34 8.04 33.89
CA SER D 8 -11.31 6.98 34.32
C SER D 8 -10.85 5.55 34.01
N GLY D 9 -11.62 4.58 34.49
CA GLY D 9 -11.33 3.15 34.32
C GLY D 9 -12.06 2.55 33.13
N TRP D 10 -11.93 1.23 32.96
CA TRP D 10 -12.69 0.50 31.95
C TRP D 10 -12.78 -1.00 32.17
N VAL D 11 -13.63 -1.61 31.34
CA VAL D 11 -13.77 -3.05 31.31
C VAL D 11 -13.46 -3.48 29.91
N THR D 12 -12.55 -4.46 29.81
CA THR D 12 -12.17 -5.02 28.54
C THR D 12 -12.39 -6.50 28.72
N VAL D 13 -12.91 -7.17 27.69
CA VAL D 13 -13.09 -8.63 27.75
C VAL D 13 -12.16 -9.20 26.68
N ALA D 14 -11.11 -9.90 27.09
CA ALA D 14 -10.05 -10.26 26.16
C ALA D 14 -10.01 -11.75 25.95
N GLY D 15 -9.90 -12.15 24.68
CA GLY D 15 -9.65 -13.55 24.33
C GLY D 15 -8.16 -13.93 24.43
N LEU D 16 -7.87 -15.00 25.15
CA LEU D 16 -6.48 -15.45 25.35
C LEU D 16 -6.04 -16.51 24.33
N GLY D 17 -6.97 -16.91 23.47
CA GLY D 17 -6.68 -17.95 22.49
C GLY D 17 -6.78 -19.34 23.07
N PRO D 18 -6.46 -20.35 22.26
CA PRO D 18 -6.72 -21.72 22.64
C PRO D 18 -5.72 -22.25 23.66
N GLY D 19 -4.56 -21.60 23.80
CA GLY D 19 -3.59 -22.02 24.81
C GLY D 19 -2.17 -21.52 24.59
N ARG D 20 -1.65 -21.67 23.38
CA ARG D 20 -0.26 -21.27 23.16
C ARG D 20 -0.12 -19.74 23.16
N GLU D 21 0.93 -19.26 23.82
CA GLU D 21 1.16 -17.85 24.07
C GLU D 21 1.42 -17.08 22.77
N ASP D 22 1.93 -17.78 21.76
CA ASP D 22 2.17 -17.13 20.48
C ASP D 22 0.88 -16.99 19.62
N LEU D 23 -0.27 -17.25 20.21
CA LEU D 23 -1.55 -16.99 19.54
C LEU D 23 -2.30 -15.82 20.14
N VAL D 24 -1.78 -15.28 21.25
CA VAL D 24 -2.41 -14.12 21.92
C VAL D 24 -2.13 -12.92 21.01
N THR D 25 -3.15 -12.23 20.53
CA THR D 25 -2.89 -11.06 19.69
C THR D 25 -2.07 -10.02 20.48
N PRO D 26 -1.25 -9.21 19.75
CA PRO D 26 -0.54 -8.08 20.39
C PRO D 26 -1.56 -7.09 20.97
N GLU D 27 -2.71 -6.95 20.33
CA GLU D 27 -3.81 -6.15 20.92
C GLU D 27 -4.09 -6.61 22.35
N VAL D 28 -4.25 -7.91 22.56
CA VAL D 28 -4.62 -8.44 23.86
C VAL D 28 -3.49 -8.33 24.88
N THR D 29 -2.29 -8.54 24.40
CA THR D 29 -1.11 -8.36 25.20
C THR D 29 -0.98 -6.93 25.73
N ALA D 30 -1.25 -5.96 24.88
CA ALA D 30 -1.16 -4.58 25.28
C ALA D 30 -2.16 -4.28 26.41
N ALA D 31 -3.44 -4.63 26.24
CA ALA D 31 -4.47 -4.40 27.26
C ALA D 31 -4.10 -5.07 28.58
N LEU D 32 -3.50 -6.25 28.50
CA LEU D 32 -2.99 -6.93 29.69
C LEU D 32 -1.89 -6.11 30.39
N ALA D 33 -1.13 -5.33 29.63
CA ALA D 33 -0.05 -4.52 30.18
C ALA D 33 -0.62 -3.28 30.85
N GLU D 34 -1.73 -2.76 30.33
CA GLU D 34 -2.47 -1.61 30.92
C GLU D 34 -3.33 -1.91 32.16
N ALA D 35 -3.87 -3.12 32.24
CA ALA D 35 -4.83 -3.45 33.27
C ALA D 35 -4.37 -3.21 34.72
N THR D 36 -5.32 -2.98 35.61
CA THR D 36 -5.08 -2.95 37.05
C THR D 36 -5.63 -4.22 37.70
N ASP D 37 -6.64 -4.83 37.07
CA ASP D 37 -7.31 -6.02 37.56
C ASP D 37 -7.66 -7.02 36.44
N ILE D 38 -7.53 -8.30 36.77
CA ILE D 38 -7.84 -9.40 35.89
C ILE D 38 -8.92 -10.27 36.57
N VAL D 39 -10.04 -10.41 35.89
CA VAL D 39 -11.13 -11.21 36.39
C VAL D 39 -11.25 -12.38 35.44
N GLY D 40 -11.43 -13.58 35.98
CA GLY D 40 -11.61 -14.70 35.10
C GLY D 40 -11.55 -16.01 35.81
N TYR D 41 -12.00 -17.02 35.08
CA TYR D 41 -11.98 -18.40 35.51
C TYR D 41 -10.54 -18.81 35.84
N ILE D 42 -10.38 -19.43 37.02
CA ILE D 42 -9.07 -19.83 37.59
C ILE D 42 -7.94 -20.15 36.60
N PRO D 43 -8.16 -21.11 35.67
CA PRO D 43 -7.02 -21.48 34.84
C PRO D 43 -6.69 -20.44 33.74
N TYR D 44 -7.64 -19.57 33.41
CA TYR D 44 -7.39 -18.48 32.47
C TYR D 44 -6.49 -17.45 33.10
N VAL D 45 -6.91 -16.94 34.26
CA VAL D 45 -6.10 -16.07 35.12
C VAL D 45 -4.67 -16.57 35.32
N ALA D 46 -4.53 -17.90 35.47
CA ALA D 46 -3.23 -18.54 35.67
C ALA D 46 -2.31 -18.45 34.45
N ARG D 47 -2.87 -18.21 33.27
CA ARG D 47 -2.05 -18.01 32.06
C ARG D 47 -1.33 -16.65 32.04
N ILE D 48 -1.71 -15.76 32.94
CA ILE D 48 -1.16 -14.41 32.92
C ILE D 48 -0.07 -14.28 33.95
N ALA D 49 1.14 -14.03 33.45
CA ALA D 49 2.31 -13.66 34.26
C ALA D 49 1.92 -12.62 35.33
N PRO D 50 2.18 -12.94 36.63
CA PRO D 50 1.88 -11.94 37.68
C PRO D 50 2.88 -10.80 37.59
N ARG D 51 2.42 -9.60 37.95
CA ARG D 51 3.30 -8.44 37.90
C ARG D 51 2.83 -7.38 38.87
N GLU D 52 3.71 -6.40 39.06
CA GLU D 52 3.45 -5.25 39.90
C GLU D 52 2.19 -4.53 39.51
N GLY D 53 1.32 -4.31 40.48
CA GLY D 53 0.17 -3.44 40.29
C GLY D 53 -1.03 -4.11 39.63
N LEU D 54 -1.03 -5.43 39.58
CA LEU D 54 -2.09 -6.15 38.88
C LEU D 54 -2.84 -7.07 39.81
N THR D 55 -3.93 -6.55 40.38
CA THR D 55 -4.80 -7.32 41.28
C THR D 55 -5.52 -8.45 40.50
N LEU D 56 -5.44 -9.67 41.01
CA LEU D 56 -6.05 -10.83 40.37
C LEU D 56 -7.35 -11.26 41.07
N HIS D 57 -8.38 -11.55 40.29
CA HIS D 57 -9.63 -12.06 40.84
C HIS D 57 -10.08 -13.37 40.21
N PRO D 58 -9.44 -14.51 40.57
CA PRO D 58 -9.86 -15.77 39.97
C PRO D 58 -11.27 -16.13 40.42
N THR D 59 -11.97 -16.89 39.59
CA THR D 59 -13.34 -17.33 39.89
C THR D 59 -13.61 -18.71 39.29
N ASP D 60 -14.76 -19.29 39.64
CA ASP D 60 -15.23 -20.54 39.06
C ASP D 60 -15.83 -20.25 37.67
N ASN D 61 -16.07 -21.30 36.88
CA ASN D 61 -16.62 -21.15 35.51
C ASN D 61 -18.12 -20.85 35.46
N ARG D 62 -18.78 -20.95 36.61
CA ARG D 62 -20.20 -20.62 36.74
C ARG D 62 -20.39 -19.14 37.14
N VAL D 63 -21.50 -18.84 37.86
CA VAL D 63 -21.97 -17.47 38.25
C VAL D 63 -22.11 -16.51 37.06
N GLU D 64 -20.98 -15.91 36.67
CA GLU D 64 -20.94 -14.77 35.75
C GLU D 64 -21.73 -13.61 36.35
N LEU D 65 -22.41 -12.83 35.50
CA LEU D 65 -23.33 -11.76 35.91
C LEU D 65 -22.79 -10.79 36.99
N ASP D 66 -22.58 -11.30 38.21
CA ASP D 66 -21.93 -10.54 39.28
C ASP D 66 -20.43 -10.48 39.08
N ARG D 67 -19.84 -11.56 38.57
CA ARG D 67 -18.49 -11.54 38.00
C ARG D 67 -18.39 -10.25 37.14
N ALA D 68 -19.35 -10.07 36.24
CA ALA D 68 -19.41 -8.94 35.32
C ALA D 68 -19.80 -7.60 35.96
N THR D 69 -20.84 -7.60 36.81
CA THR D 69 -21.28 -6.41 37.53
C THR D 69 -20.12 -5.87 38.35
N HIS D 70 -19.40 -6.80 38.95
CA HIS D 70 -18.21 -6.51 39.73
C HIS D 70 -17.18 -5.77 38.85
N ALA D 71 -16.89 -6.35 37.69
CA ALA D 71 -15.99 -5.70 36.73
C ALA D 71 -16.45 -4.26 36.46
N LEU D 72 -17.76 -4.10 36.23
CA LEU D 72 -18.37 -2.77 36.00
C LEU D 72 -18.24 -1.84 37.21
N GLU D 73 -18.44 -2.38 38.41
CA GLU D 73 -18.27 -1.59 39.63
C GLU D 73 -16.86 -1.11 39.80
N MET D 74 -15.89 -1.93 39.38
CA MET D 74 -14.47 -1.54 39.42
C MET D 74 -14.10 -0.47 38.39
N ALA D 75 -14.81 -0.41 37.27
CA ALA D 75 -14.63 0.65 36.27
C ALA D 75 -14.96 2.00 36.88
N ALA D 76 -16.00 2.02 37.72
CA ALA D 76 -16.45 3.25 38.34
C ALA D 76 -15.37 3.85 39.25
N GLU D 77 -14.62 3.01 39.98
CA GLU D 77 -13.54 3.52 40.87
C GLU D 77 -12.23 3.80 40.12
N GLY D 78 -12.28 3.80 38.79
CA GLY D 78 -11.10 4.04 37.96
C GLY D 78 -10.20 2.85 37.71
N ARG D 79 -10.60 1.66 38.16
CA ARG D 79 -9.86 0.44 37.84
C ARG D 79 -9.99 0.01 36.36
N ARG D 80 -8.86 -0.36 35.76
CA ARG D 80 -8.84 -0.80 34.37
C ARG D 80 -8.83 -2.33 34.39
N VAL D 81 -9.96 -2.94 34.04
CA VAL D 81 -10.27 -4.36 34.31
C VAL D 81 -10.29 -5.20 33.05
N VAL D 82 -9.43 -6.22 32.98
CA VAL D 82 -9.55 -7.21 31.92
C VAL D 82 -10.25 -8.48 32.42
N VAL D 83 -11.40 -8.79 31.84
CA VAL D 83 -12.05 -10.07 32.05
C VAL D 83 -11.46 -10.99 30.95
N VAL D 84 -10.81 -12.10 31.33
CA VAL D 84 -10.15 -12.97 30.33
C VAL D 84 -10.95 -14.21 30.00
N SER D 85 -10.88 -14.63 28.73
CA SER D 85 -11.54 -15.82 28.24
C SER D 85 -10.57 -16.63 27.41
N SER D 86 -10.73 -17.94 27.40
CA SER D 86 -9.97 -18.76 26.46
C SER D 86 -10.53 -18.48 25.06
N GLY D 87 -9.71 -18.66 24.03
CA GLY D 87 -10.17 -18.53 22.66
C GLY D 87 -10.68 -17.13 22.35
N ASP D 88 -11.90 -17.06 21.84
CA ASP D 88 -12.52 -15.79 21.53
C ASP D 88 -13.58 -15.45 22.58
N PRO D 89 -13.56 -14.21 23.10
CA PRO D 89 -14.50 -13.85 24.16
C PRO D 89 -15.97 -13.83 23.70
N GLY D 90 -16.20 -13.61 22.40
CA GLY D 90 -17.55 -13.72 21.82
C GLY D 90 -18.08 -15.11 21.48
N VAL D 91 -17.35 -16.17 21.80
CA VAL D 91 -17.74 -17.54 21.45
C VAL D 91 -18.01 -18.34 22.73
N PHE D 92 -19.30 -18.38 23.11
CA PHE D 92 -19.74 -19.09 24.34
C PHE D 92 -18.90 -18.63 25.55
N ALA D 93 -18.64 -17.34 25.66
CA ALA D 93 -17.76 -16.86 26.68
C ALA D 93 -18.34 -15.64 27.44
N MET D 94 -17.47 -14.75 27.91
CA MET D 94 -17.82 -13.67 28.84
C MET D 94 -18.39 -12.40 28.21
N ALA D 95 -18.25 -12.27 26.90
CA ALA D 95 -18.71 -11.05 26.25
C ALA D 95 -20.23 -10.88 26.44
N SER D 96 -20.99 -11.94 26.26
CA SER D 96 -22.45 -11.88 26.37
C SER D 96 -22.94 -11.60 27.80
N ALA D 97 -22.25 -12.16 28.78
CA ALA D 97 -22.64 -11.95 30.16
C ALA D 97 -22.47 -10.49 30.56
N LEU D 98 -21.38 -9.88 30.11
CA LEU D 98 -21.17 -8.48 30.41
C LEU D 98 -22.37 -7.61 29.97
N PHE D 99 -22.79 -7.72 28.71
CA PHE D 99 -23.86 -6.87 28.20
C PHE D 99 -25.21 -7.11 28.90
N GLU D 100 -25.51 -8.40 29.12
CA GLU D 100 -26.64 -8.82 29.96
C GLU D 100 -26.57 -8.22 31.37
N ALA D 101 -25.38 -8.24 31.96
CA ALA D 101 -25.19 -7.55 33.24
C ALA D 101 -25.31 -6.03 33.05
N LEU D 102 -24.89 -5.52 31.89
CA LEU D 102 -25.07 -4.09 31.56
C LEU D 102 -26.55 -3.67 31.40
N GLU D 103 -27.37 -4.54 30.80
CA GLU D 103 -28.80 -4.22 30.56
C GLU D 103 -29.56 -4.19 31.87
N ALA D 104 -29.12 -5.00 32.81
CA ALA D 104 -29.78 -5.11 34.10
C ALA D 104 -29.43 -3.94 35.02
N HIS D 105 -28.43 -3.14 34.64
CA HIS D 105 -27.94 -2.06 35.48
C HIS D 105 -27.74 -0.75 34.71
N PRO D 106 -28.85 -0.07 34.35
CA PRO D 106 -28.74 1.15 33.53
C PRO D 106 -27.68 2.20 34.02
N GLU D 107 -27.50 2.29 35.34
CA GLU D 107 -26.51 3.20 35.98
C GLU D 107 -25.05 2.82 35.69
N HIS D 108 -24.83 1.78 34.90
CA HIS D 108 -23.48 1.39 34.50
C HIS D 108 -23.23 1.64 33.02
N ALA D 109 -24.30 1.82 32.24
CA ALA D 109 -24.17 2.26 30.84
C ALA D 109 -23.30 3.51 30.87
N GLY D 110 -22.38 3.63 29.93
CA GLY D 110 -21.42 4.71 30.03
C GLY D 110 -20.05 4.33 30.57
N THR D 111 -19.96 3.21 31.28
CA THR D 111 -18.61 2.67 31.55
C THR D 111 -18.02 2.26 30.20
N GLU D 112 -16.74 2.51 30.01
CA GLU D 112 -16.11 2.12 28.75
C GLU D 112 -15.92 0.60 28.67
N ILE D 113 -16.24 0.06 27.50
CA ILE D 113 -16.21 -1.37 27.27
C ILE D 113 -15.54 -1.65 25.94
N ARG D 114 -14.68 -2.67 25.93
CA ARG D 114 -13.97 -3.09 24.73
C ARG D 114 -13.97 -4.59 24.69
N ILE D 115 -14.40 -5.18 23.58
CA ILE D 115 -14.27 -6.63 23.36
C ILE D 115 -13.13 -6.90 22.41
N LEU D 116 -12.27 -7.84 22.78
CA LEU D 116 -11.00 -8.00 22.07
C LEU D 116 -10.84 -9.45 21.52
N PRO D 117 -10.91 -9.63 20.20
CA PRO D 117 -11.05 -10.99 19.64
C PRO D 117 -9.84 -11.87 19.92
N GLY D 118 -10.03 -13.19 19.77
CA GLY D 118 -8.99 -14.19 20.00
C GLY D 118 -9.12 -15.35 19.04
N ILE D 119 -8.08 -16.20 18.96
CA ILE D 119 -8.16 -17.38 18.10
C ILE D 119 -9.07 -18.35 18.79
N THR D 120 -10.16 -18.66 18.11
CA THR D 120 -11.12 -19.50 18.76
C THR D 120 -10.74 -20.97 18.55
N ALA D 121 -11.22 -21.84 19.44
CA ALA D 121 -10.83 -23.25 19.50
C ALA D 121 -11.08 -24.06 18.23
N MET D 122 -12.25 -23.89 17.66
CA MET D 122 -12.59 -24.59 16.42
C MET D 122 -11.62 -24.29 15.28
N LEU D 123 -11.17 -23.05 15.17
CA LEU D 123 -10.32 -22.67 14.05
C LEU D 123 -8.89 -23.06 14.24
N ALA D 124 -8.44 -23.06 15.48
CA ALA D 124 -7.17 -23.64 15.86
C ALA D 124 -7.17 -25.15 15.57
N ALA D 125 -8.29 -25.81 15.86
CA ALA D 125 -8.44 -27.25 15.60
C ALA D 125 -8.42 -27.53 14.11
N ALA D 126 -9.21 -26.75 13.38
CA ALA D 126 -9.28 -26.79 11.92
C ALA D 126 -7.90 -26.67 11.35
N ALA D 127 -7.18 -25.63 11.79
CA ALA D 127 -5.83 -25.41 11.25
C ALA D 127 -4.93 -26.63 11.51
N ALA D 128 -5.11 -27.30 12.64
CA ALA D 128 -4.23 -28.43 12.97
C ALA D 128 -4.55 -29.66 12.11
N ALA D 129 -5.83 -29.82 11.76
CA ALA D 129 -6.31 -30.95 10.98
C ALA D 129 -6.16 -30.72 9.49
N GLY D 130 -6.09 -29.44 9.09
CA GLY D 130 -6.01 -29.06 7.68
C GLY D 130 -7.02 -28.01 7.33
N ALA D 131 -8.17 -28.40 6.81
CA ALA D 131 -9.19 -27.39 6.49
C ALA D 131 -10.64 -27.89 6.56
N PRO D 132 -11.02 -28.56 7.65
CA PRO D 132 -12.38 -29.13 7.70
C PRO D 132 -13.52 -28.05 7.79
N LEU D 133 -13.17 -26.82 8.06
CA LEU D 133 -14.20 -25.78 8.20
C LEU D 133 -14.16 -24.83 7.00
N GLY D 134 -13.56 -25.29 5.91
CA GLY D 134 -13.34 -24.45 4.74
C GLY D 134 -14.57 -24.09 3.94
N HIS D 135 -15.69 -24.74 4.24
CA HIS D 135 -17.01 -24.42 3.69
C HIS D 135 -17.91 -23.95 4.82
N ASP D 136 -19.12 -23.52 4.46
CA ASP D 136 -20.16 -23.07 5.40
C ASP D 136 -20.17 -24.01 6.60
N PHE D 137 -20.12 -23.42 7.78
CA PHE D 137 -20.03 -24.18 8.99
C PHE D 137 -20.80 -23.51 10.11
N CYS D 138 -21.05 -24.26 11.17
CA CYS D 138 -21.74 -23.71 12.32
C CYS D 138 -21.05 -24.12 13.60
N ALA D 139 -21.34 -23.40 14.67
CA ALA D 139 -20.77 -23.74 15.96
C ALA D 139 -21.92 -23.94 16.92
N ILE D 140 -21.87 -25.00 17.74
CA ILE D 140 -22.94 -25.30 18.71
C ILE D 140 -22.42 -25.67 20.10
N ASN D 141 -22.99 -25.06 21.14
CA ASN D 141 -22.63 -25.39 22.53
C ASN D 141 -23.44 -26.59 23.00
N LEU D 142 -22.76 -27.58 23.58
CA LEU D 142 -23.44 -28.79 24.03
C LEU D 142 -23.64 -28.87 25.55
N SER D 143 -23.12 -27.91 26.30
CA SER D 143 -23.32 -27.85 27.74
C SER D 143 -24.06 -26.56 28.08
N ASP D 144 -25.09 -26.20 27.34
CA ASP D 144 -25.84 -25.00 27.74
C ASP D 144 -27.09 -25.35 28.55
N ASN D 145 -26.94 -25.23 29.86
CA ASN D 145 -27.96 -25.75 30.77
C ASN D 145 -29.20 -24.84 30.89
N LEU D 146 -29.08 -23.61 30.38
CA LEU D 146 -30.21 -22.69 30.32
C LEU D 146 -31.04 -22.96 29.05
N LYS D 147 -30.40 -23.65 28.12
CA LYS D 147 -30.99 -24.01 26.84
C LYS D 147 -31.63 -25.41 26.94
N PRO D 148 -32.97 -25.49 26.90
CA PRO D 148 -33.65 -26.80 26.90
C PRO D 148 -33.22 -27.67 25.72
N PHE D 149 -33.16 -28.99 25.92
CA PHE D 149 -32.69 -29.91 24.88
C PHE D 149 -33.43 -29.87 23.54
N GLU D 150 -34.69 -29.44 23.55
CA GLU D 150 -35.49 -29.41 22.31
C GLU D 150 -34.86 -28.45 21.31
N ILE D 151 -34.15 -27.46 21.84
CA ILE D 151 -33.54 -26.43 21.02
C ILE D 151 -32.25 -26.96 20.37
N LEU D 152 -31.43 -27.69 21.13
CA LEU D 152 -30.22 -28.36 20.63
C LEU D 152 -30.51 -29.24 19.41
N GLU D 153 -31.53 -30.07 19.55
CA GLU D 153 -31.96 -30.99 18.49
C GLU D 153 -32.37 -30.25 17.20
N LYS D 154 -33.17 -29.18 17.36
CA LYS D 154 -33.51 -28.27 16.26
C LYS D 154 -32.27 -27.62 15.57
N ARG D 155 -31.23 -27.33 16.34
CA ARG D 155 -29.99 -26.79 15.75
C ARG D 155 -29.27 -27.91 14.94
N LEU D 156 -29.04 -29.05 15.59
CA LEU D 156 -28.39 -30.21 15.00
C LEU D 156 -29.05 -30.70 13.72
N ARG D 157 -30.37 -30.88 13.76
CA ARG D 157 -31.11 -31.36 12.60
C ARG D 157 -31.04 -30.37 11.45
N HIS D 158 -31.19 -29.07 11.74
CA HIS D 158 -31.18 -28.05 10.69
C HIS D 158 -29.79 -27.77 10.10
N ALA D 159 -28.76 -28.08 10.88
CA ALA D 159 -27.36 -27.99 10.45
C ALA D 159 -27.02 -29.20 9.61
N ALA D 160 -27.48 -30.37 10.07
CA ALA D 160 -27.37 -31.63 9.32
C ALA D 160 -27.99 -31.50 7.94
N ARG D 161 -29.27 -31.12 7.91
CA ARG D 161 -30.03 -31.06 6.65
C ARG D 161 -29.55 -29.95 5.74
N GLY D 162 -29.19 -28.81 6.33
CA GLY D 162 -28.56 -27.70 5.60
C GLY D 162 -27.11 -27.98 5.17
N ASP D 163 -26.64 -29.21 5.47
CA ASP D 163 -25.28 -29.67 5.18
C ASP D 163 -24.17 -28.68 5.58
N PHE D 164 -24.18 -28.30 6.85
CA PHE D 164 -23.21 -27.39 7.41
C PHE D 164 -22.13 -28.24 7.99
N ALA D 165 -20.90 -27.73 7.99
CA ALA D 165 -19.88 -28.36 8.80
C ALA D 165 -20.16 -27.90 10.23
N MET D 166 -19.82 -28.72 11.21
CA MET D 166 -20.13 -28.36 12.59
C MET D 166 -18.91 -28.32 13.50
N ALA D 167 -18.99 -27.46 14.51
CA ALA D 167 -18.05 -27.50 15.63
C ALA D 167 -18.83 -27.57 16.95
N PHE D 168 -18.55 -28.60 17.75
CA PHE D 168 -19.16 -28.74 19.08
C PHE D 168 -18.24 -28.30 20.21
N TYR D 169 -18.67 -27.25 20.91
CA TYR D 169 -17.98 -26.75 22.11
C TYR D 169 -18.60 -27.41 23.35
N ASN D 170 -17.79 -27.63 24.38
CA ASN D 170 -18.24 -28.34 25.60
C ASN D 170 -18.99 -29.65 25.30
N PRO D 171 -18.33 -30.58 24.62
CA PRO D 171 -19.04 -31.81 24.24
C PRO D 171 -19.61 -32.58 25.46
N ARG D 172 -18.90 -32.57 26.58
CA ARG D 172 -19.32 -33.35 27.73
C ARG D 172 -19.58 -32.50 28.96
N SER D 173 -20.84 -32.51 29.41
CA SER D 173 -21.24 -31.69 30.58
C SER D 173 -21.08 -32.39 31.94
N LYS D 174 -21.44 -33.68 31.99
CA LYS D 174 -21.53 -34.44 33.27
C LYS D 174 -22.58 -33.86 34.26
N SER D 175 -22.99 -32.62 34.00
CA SER D 175 -24.25 -32.08 34.48
C SER D 175 -25.40 -32.78 33.74
N ARG D 176 -25.27 -32.89 32.42
CA ARG D 176 -26.04 -33.86 31.64
C ARG D 176 -25.03 -34.96 31.34
N PRO D 177 -25.09 -36.06 32.13
CA PRO D 177 -24.02 -37.06 32.30
C PRO D 177 -23.47 -37.59 30.97
N HIS D 178 -24.33 -37.55 29.96
CA HIS D 178 -23.96 -37.88 28.60
C HIS D 178 -24.36 -36.73 27.67
N GLN D 179 -25.63 -36.71 27.28
CA GLN D 179 -26.18 -35.81 26.24
C GLN D 179 -25.46 -35.94 24.91
N PHE D 180 -24.12 -35.97 24.95
CA PHE D 180 -23.30 -36.23 23.79
C PHE D 180 -23.65 -37.58 23.17
N THR D 181 -23.86 -38.59 24.02
CA THR D 181 -24.36 -39.90 23.59
C THR D 181 -25.62 -39.72 22.75
N ARG D 182 -26.57 -38.94 23.26
CA ARG D 182 -27.76 -38.59 22.47
C ARG D 182 -27.37 -37.86 21.19
N VAL D 183 -26.59 -36.79 21.32
CA VAL D 183 -26.15 -35.97 20.16
C VAL D 183 -25.70 -36.84 18.97
N LEU D 184 -24.84 -37.83 19.19
CA LEU D 184 -24.38 -38.70 18.11
C LEU D 184 -25.54 -39.36 17.37
N GLU D 185 -26.48 -39.94 18.11
CA GLU D 185 -27.65 -40.60 17.51
C GLU D 185 -28.26 -39.75 16.42
N ILE D 186 -28.57 -38.49 16.76
CA ILE D 186 -29.19 -37.53 15.81
C ILE D 186 -28.42 -37.36 14.49
N LEU D 187 -27.09 -37.33 14.57
CA LEU D 187 -26.21 -37.27 13.40
C LEU D 187 -26.28 -38.56 12.57
N ARG D 188 -26.18 -39.69 13.27
CA ARG D 188 -26.35 -41.02 12.68
C ARG D 188 -27.72 -41.20 12.01
N GLU D 189 -28.70 -40.40 12.43
CA GLU D 189 -30.02 -40.37 11.77
C GLU D 189 -29.99 -39.45 10.56
N GLU D 190 -29.40 -38.28 10.74
CA GLU D 190 -29.48 -37.21 9.75
C GLU D 190 -28.35 -37.21 8.70
N CYS D 191 -27.31 -38.03 8.90
CA CYS D 191 -26.11 -38.04 8.04
C CYS D 191 -25.66 -39.44 7.66
N GLU D 192 -25.12 -39.57 6.45
CA GLU D 192 -24.47 -40.81 6.00
C GLU D 192 -23.49 -41.34 7.06
N PRO D 193 -23.31 -42.67 7.14
CA PRO D 193 -22.44 -43.16 8.21
C PRO D 193 -20.94 -42.87 7.99
N GLY D 194 -20.57 -42.52 6.75
CA GLY D 194 -19.18 -42.14 6.40
C GLY D 194 -18.71 -40.77 6.86
N ARG D 195 -19.65 -39.92 7.27
CA ARG D 195 -19.36 -38.56 7.73
C ARG D 195 -18.11 -38.48 8.61
N LEU D 196 -17.22 -37.56 8.29
CA LEU D 196 -15.99 -37.48 9.03
C LEU D 196 -16.14 -36.75 10.35
N ILE D 197 -15.52 -37.30 11.39
CA ILE D 197 -15.61 -36.74 12.72
C ILE D 197 -14.21 -36.56 13.27
N LEU D 198 -13.94 -35.35 13.75
CA LEU D 198 -12.63 -35.00 14.31
C LEU D 198 -12.74 -34.70 15.80
N PHE D 199 -11.97 -35.45 16.58
CA PHE D 199 -11.87 -35.26 18.01
C PHE D 199 -10.56 -34.56 18.29
N ALA D 200 -10.66 -33.27 18.62
CA ALA D 200 -9.49 -32.44 18.79
C ALA D 200 -9.38 -31.97 20.22
N ARG D 201 -8.31 -32.41 20.87
CA ARG D 201 -8.18 -32.26 22.31
C ARG D 201 -6.94 -31.45 22.62
N ALA D 202 -7.12 -30.47 23.50
CA ALA D 202 -6.00 -29.67 24.01
C ALA D 202 -5.20 -29.06 22.88
N VAL D 203 -5.89 -28.50 21.91
CA VAL D 203 -5.24 -28.05 20.70
C VAL D 203 -4.25 -26.90 20.99
N THR D 204 -3.08 -26.96 20.36
CA THR D 204 -1.97 -26.00 20.50
C THR D 204 -1.14 -26.17 21.76
N THR D 205 -1.59 -26.98 22.71
CA THR D 205 -0.80 -27.25 23.93
C THR D 205 0.21 -28.37 23.68
N PRO D 206 1.13 -28.63 24.65
CA PRO D 206 2.00 -29.80 24.53
C PRO D 206 1.28 -31.17 24.52
N GLU D 207 0.05 -31.24 25.00
CA GLU D 207 -0.70 -32.49 24.95
C GLU D 207 -1.75 -32.55 23.84
N GLN D 208 -1.50 -31.84 22.72
CA GLN D 208 -2.41 -31.87 21.56
C GLN D 208 -2.49 -33.29 20.98
N ALA D 209 -3.72 -33.78 20.83
CA ALA D 209 -4.00 -35.02 20.12
C ALA D 209 -5.28 -34.84 19.31
N ILE D 210 -5.18 -35.18 18.04
CA ILE D 210 -6.33 -35.12 17.15
C ILE D 210 -6.64 -36.49 16.53
N SER D 211 -7.88 -36.91 16.65
CA SER D 211 -8.28 -38.18 16.11
C SER D 211 -9.35 -37.93 15.07
N VAL D 212 -9.21 -38.59 13.93
CA VAL D 212 -10.18 -38.49 12.86
C VAL D 212 -10.83 -39.85 12.64
N VAL D 213 -12.16 -39.87 12.64
CA VAL D 213 -12.92 -41.12 12.69
C VAL D 213 -14.19 -40.95 11.86
N GLU D 214 -14.72 -42.04 11.28
CA GLU D 214 -16.00 -41.98 10.57
C GLU D 214 -17.19 -41.97 11.58
N LEU D 215 -18.35 -41.50 11.15
CA LEU D 215 -19.51 -41.42 12.05
C LEU D 215 -19.98 -42.78 12.62
N ARG D 216 -19.95 -43.81 11.77
CA ARG D 216 -20.28 -45.18 12.17
C ARG D 216 -19.44 -45.68 13.36
N ASP D 217 -18.25 -45.12 13.55
CA ASP D 217 -17.36 -45.53 14.67
C ASP D 217 -17.24 -44.47 15.79
N ALA D 218 -18.04 -43.42 15.74
CA ALA D 218 -17.92 -42.37 16.76
C ALA D 218 -18.62 -42.71 18.10
N THR D 219 -17.83 -42.75 19.18
CA THR D 219 -18.29 -42.98 20.56
C THR D 219 -18.16 -41.70 21.44
N PRO D 220 -19.04 -41.55 22.45
CA PRO D 220 -18.96 -40.39 23.35
C PRO D 220 -17.64 -40.32 24.10
N GLU D 221 -17.06 -41.48 24.36
CA GLU D 221 -15.88 -41.56 25.19
C GLU D 221 -14.68 -40.82 24.57
N MET D 222 -14.74 -40.59 23.26
CA MET D 222 -13.61 -40.03 22.48
C MET D 222 -13.40 -38.52 22.68
N ALA D 223 -14.45 -37.85 23.16
CA ALA D 223 -14.43 -36.44 23.55
C ALA D 223 -14.52 -36.28 25.06
N ASP D 224 -14.04 -35.15 25.58
CA ASP D 224 -14.14 -34.80 27.00
C ASP D 224 -14.19 -33.28 27.23
N MET D 225 -13.82 -32.85 28.44
CA MET D 225 -13.80 -31.44 28.82
C MET D 225 -12.89 -30.56 27.92
N ARG D 226 -11.77 -31.13 27.45
CA ARG D 226 -10.73 -30.39 26.70
C ARG D 226 -10.75 -30.61 25.19
N THR D 227 -11.91 -31.01 24.67
CA THR D 227 -12.08 -31.35 23.26
C THR D 227 -13.04 -30.46 22.51
N VAL D 228 -12.71 -30.09 21.28
CA VAL D 228 -13.69 -29.51 20.36
C VAL D 228 -13.96 -30.57 19.29
N VAL D 229 -15.22 -30.78 18.98
CA VAL D 229 -15.51 -31.83 18.03
C VAL D 229 -15.88 -31.20 16.73
N LEU D 230 -15.11 -31.49 15.69
CA LEU D 230 -15.44 -30.99 14.36
C LEU D 230 -16.16 -32.04 13.55
N VAL D 231 -17.21 -31.59 12.86
CA VAL D 231 -17.99 -32.46 12.02
C VAL D 231 -17.99 -31.89 10.61
N GLY D 232 -17.49 -32.67 9.67
CA GLY D 232 -17.45 -32.25 8.28
C GLY D 232 -18.83 -32.24 7.69
N ASN D 233 -18.97 -31.59 6.54
CA ASN D 233 -20.18 -31.74 5.76
C ASN D 233 -20.06 -33.00 4.93
N ALA D 234 -21.06 -33.22 4.08
CA ALA D 234 -21.13 -34.42 3.25
C ALA D 234 -19.86 -34.72 2.44
N ALA D 235 -19.26 -33.70 1.85
CA ALA D 235 -18.12 -33.87 0.94
C ALA D 235 -16.73 -33.95 1.61
N THR D 236 -16.65 -33.64 2.90
CA THR D 236 -15.36 -33.60 3.64
C THR D 236 -14.63 -34.93 3.59
N ARG D 237 -13.35 -34.90 3.17
CA ARG D 237 -12.57 -36.11 2.96
C ARG D 237 -11.11 -35.92 3.39
N ARG D 238 -10.27 -36.92 3.10
CA ARG D 238 -8.87 -36.93 3.48
C ARG D 238 -7.94 -36.75 2.32
N VAL D 239 -6.72 -36.31 2.64
CA VAL D 239 -5.58 -36.38 1.73
C VAL D 239 -4.33 -36.47 2.60
N GLY D 240 -3.61 -37.57 2.43
CA GLY D 240 -2.54 -37.93 3.33
C GLY D 240 -3.08 -37.83 4.74
N PRO D 241 -2.33 -37.20 5.65
CA PRO D 241 -2.82 -37.10 7.01
C PRO D 241 -3.82 -35.95 7.22
N TRP D 242 -4.16 -35.21 6.17
CA TRP D 242 -4.97 -34.01 6.35
C TRP D 242 -6.45 -34.25 6.13
N VAL D 243 -7.26 -33.35 6.66
CA VAL D 243 -8.68 -33.34 6.33
C VAL D 243 -9.06 -32.00 5.71
N TYR D 244 -9.90 -32.04 4.70
CA TYR D 244 -10.37 -30.83 4.04
C TYR D 244 -11.74 -30.99 3.42
N THR D 245 -12.33 -29.86 3.04
CA THR D 245 -13.66 -29.82 2.48
C THR D 245 -13.63 -29.21 1.05
N PRO D 246 -13.81 -30.04 -0.01
CA PRO D 246 -13.82 -29.52 -1.41
C PRO D 246 -15.11 -28.78 -1.82
N SAH E . -10.33 -15.79 5.41
CA SAH E . -11.18 -14.57 5.56
CB SAH E . -12.44 -14.67 4.69
CG SAH E . -12.13 -14.47 3.21
SD SAH E . -13.55 -14.01 2.25
C SAH E . -11.53 -14.51 6.99
O SAH E . -11.26 -15.52 7.63
OXT SAH E . -12.06 -13.54 7.57
C5' SAH E . -13.45 -12.23 2.26
C4' SAH E . -14.69 -11.61 2.92
O4' SAH E . -14.53 -11.57 4.34
C3' SAH E . -15.03 -10.15 2.53
O3' SAH E . -15.91 -10.04 1.40
C2' SAH E . -15.74 -9.62 3.75
O2' SAH E . -17.11 -10.05 3.81
C1' SAH E . -15.01 -10.34 4.88
N9 SAH E . -13.91 -9.52 5.43
C8 SAH E . -12.59 -9.76 5.35
N7 SAH E . -11.89 -8.79 6.01
C5 SAH E . -12.77 -7.90 6.52
C6 SAH E . -12.72 -6.64 7.34
N6 SAH E . -11.55 -6.09 7.75
N1 SAH E . -13.89 -6.04 7.65
C2 SAH E . -15.07 -6.54 7.27
N3 SAH E . -15.19 -7.68 6.53
C4 SAH E . -14.10 -8.39 6.14
C1 GOL F . 1.36 -27.22 13.23
O1 GOL F . 2.46 -26.86 12.42
C2 GOL F . 0.25 -27.83 12.39
O2 GOL F . -0.78 -28.22 13.26
C3 GOL F . -0.25 -26.85 11.33
O3 GOL F . -1.26 -27.40 10.48
C1 GOL G . 5.07 -6.80 7.79
O1 GOL G . 5.03 -5.63 8.57
C2 GOL G . 3.74 -6.93 7.05
O2 GOL G . 3.60 -8.23 6.50
C3 GOL G . 3.59 -5.87 5.95
O3 GOL G . 2.43 -5.08 6.10
C1 GOL H . -0.94 -6.21 8.74
O1 GOL H . 0.08 -7.12 8.36
C2 GOL H . -2.26 -6.42 7.99
O2 GOL H . -3.12 -7.34 8.64
C3 GOL H . -2.15 -6.82 6.52
O3 GOL H . -3.36 -7.48 6.17
N SAH I . 14.92 10.18 -8.00
CA SAH I . 14.01 10.95 -7.10
CB SAH I . 14.84 11.54 -5.97
CG SAH I . 15.21 10.46 -4.96
SD SAH I . 15.88 11.18 -3.47
C SAH I . 13.36 12.04 -7.91
O SAH I . 13.60 12.02 -9.12
OXT SAH I . 12.60 12.93 -7.42
C5' SAH I . 14.51 11.17 -2.33
C4' SAH I . 14.18 12.64 -2.05
O4' SAH I . 13.41 13.17 -3.13
C3' SAH I . 13.33 12.99 -0.83
O3' SAH I . 14.10 13.14 0.35
C2' SAH I . 12.68 14.30 -1.19
O2' SAH I . 13.56 15.45 -1.08
C1' SAH I . 12.44 14.10 -2.66
N9 SAH I . 11.09 13.59 -2.99
C8 SAH I . 10.82 12.41 -3.57
N7 SAH I . 9.49 12.23 -3.78
C5 SAH I . 8.88 13.34 -3.31
C6 SAH I . 7.49 13.78 -3.23
N6 SAH I . 6.54 12.94 -3.72
N1 SAH I . 7.23 14.98 -2.67
C2 SAH I . 8.23 15.80 -2.23
N3 SAH I . 9.54 15.44 -2.26
C4 SAH I . 9.93 14.24 -2.78
C1 GOL J . 7.80 23.25 -12.66
O1 GOL J . 6.96 22.36 -13.39
C2 GOL J . 7.72 24.78 -12.97
O2 GOL J . 6.47 25.30 -12.65
C3 GOL J . 8.72 25.55 -12.09
O3 GOL J . 9.42 26.59 -12.74
C1 GOL K . 2.51 -22.04 -13.42
O1 GOL K . 3.75 -21.83 -12.78
C2 GOL K . 2.23 -23.52 -13.60
O2 GOL K . 3.19 -24.11 -14.46
C3 GOL K . 2.18 -24.24 -12.26
O3 GOL K . 1.07 -25.12 -12.24
C1 GOL L . 3.91 4.75 -6.83
O1 GOL L . 5.07 5.55 -6.81
C2 GOL L . 2.95 5.34 -7.87
O2 GOL L . 3.58 5.42 -9.12
C3 GOL L . 1.67 4.52 -7.98
O3 GOL L . 1.22 4.57 -9.33
N SAH M . 10.25 23.28 -21.48
CA SAH M . 11.16 22.49 -22.33
CB SAH M . 12.33 23.39 -22.70
CG SAH M . 11.95 24.00 -24.03
SD SAH M . 13.13 25.23 -24.43
C SAH M . 11.66 21.32 -21.56
O SAH M . 11.33 21.22 -20.38
OXT SAH M . 12.43 20.48 -22.10
C5' SAH M . 13.73 24.51 -25.95
C4' SAH M . 15.02 23.67 -25.79
O4' SAH M . 14.80 22.45 -25.05
C3' SAH M . 15.72 23.21 -27.08
O3' SAH M . 16.65 24.14 -27.65
C2' SAH M . 16.55 22.00 -26.65
O2' SAH M . 17.80 22.42 -26.03
C1' SAH M . 15.64 21.38 -25.60
N9 SAH M . 14.84 20.26 -26.18
C8 SAH M . 13.49 20.19 -26.26
N7 SAH M . 13.09 18.99 -26.80
C5 SAH M . 14.19 18.27 -27.09
C6 SAH M . 14.48 16.93 -27.68
N6 SAH M . 13.48 16.09 -28.11
N1 SAH M . 15.78 16.57 -27.78
C2 SAH M . 16.79 17.37 -27.38
N3 SAH M . 16.58 18.58 -26.84
C4 SAH M . 15.34 19.09 -26.67
C1 GOL N . 18.44 10.77 -16.28
O1 GOL N . 17.29 9.96 -16.44
C2 GOL N . 19.72 10.11 -15.69
O2 GOL N . 20.14 9.10 -16.57
C3 GOL N . 20.84 11.17 -15.61
O3 GOL N . 21.66 11.14 -14.47
C1 GOL O . 15.77 32.19 -19.23
O1 GOL O . 16.86 32.49 -18.35
C2 GOL O . 14.51 31.67 -18.55
O2 GOL O . 13.73 32.66 -17.90
C3 GOL O . 13.68 30.98 -19.63
O3 GOL O . 12.87 31.89 -20.33
N SAH P . -14.38 -18.94 24.28
CA SAH P . -13.76 -20.26 23.95
CB SAH P . -14.77 -21.41 24.17
CG SAH P . -14.98 -21.65 25.66
SD SAH P . -16.12 -22.98 25.91
C SAH P . -13.26 -20.20 22.54
O SAH P . -13.53 -19.20 21.87
OXT SAH P . -12.58 -21.12 22.03
C5' SAH P . -14.93 -24.25 26.36
C4' SAH P . -14.86 -25.34 25.26
O4' SAH P . -14.13 -24.90 24.11
C3' SAH P . -14.24 -26.67 25.64
O3' SAH P . -15.19 -27.57 26.23
C2' SAH P . -13.73 -27.23 24.32
O2' SAH P . -14.75 -27.89 23.53
C1' SAH P . -13.38 -25.98 23.55
N9 SAH P . -11.95 -25.67 23.74
C8 SAH P . -11.48 -24.57 24.38
N7 SAH P . -10.12 -24.54 24.36
C5 SAH P . -9.71 -25.64 23.69
C6 SAH P . -8.43 -26.22 23.30
N6 SAH P . -7.29 -25.58 23.65
N1 SAH P . -8.41 -27.39 22.60
C2 SAH P . -9.57 -28.01 22.27
N3 SAH P . -10.80 -27.52 22.60
C4 SAH P . -10.93 -26.38 23.29
#